data_5R7X
#
_entry.id   5R7X
#
_cell.length_a   57.810
_cell.length_b   93.790
_cell.length_c   93.250
_cell.angle_alpha   90.000
_cell.angle_beta   107.960
_cell.angle_gamma   90.000
#
_symmetry.space_group_name_H-M   'P 1 21 1'
#
loop_
_entity.id
_entity.type
_entity.pdbx_description
1 polymer 'Lysine-specific demethylase 3B'
2 non-polymer 'CHLORIDE ION'
3 non-polymer 'MANGANESE (II) ION'
4 water water
#
_entity_poly.entity_id   1
_entity_poly.type   'polypeptide(L)'
_entity_poly.pdbx_seq_one_letter_code
;MHHHHHHSSGVDLGTENLYFQSMTSHSWLCDGRLLCLHDPSNKNNWKIFRECWKQGQPVLVSGVHKKLKSELWKPEAFSQ
EFGDQDVDLVNCRNCAIISDVKVRDFWDGFEIICKRLRSEDGQPMVLKLKDWPPGEDFRDMMPTRFEDLMENLPLPEYTK
RDGRLNLASRLPSYFVRPDLGPKMYNAYGLITAEDRRVGTTNLHLDVSDAVNVMVYVGIPIGEGAHDEEVLKTIDEGDAD
EVTKERIHDHKEKPGALWHIYAAKDAEKIRELLRKVGEEQGQENPPDHDPIHDQSWYLDQTLRKRLYEEYGVQGWAIVQF
LGDAVFIPAGAPHQVHNLYSCIKVAEDFVSPEHVKHCFRLTQEFRHLSNTHT
;
_entity_poly.pdbx_strand_id   A,B
#
loop_
_chem_comp.id
_chem_comp.type
_chem_comp.name
_chem_comp.formula
CL non-polymer 'CHLORIDE ION' 'Cl -1'
MN non-polymer 'MANGANESE (II) ION' 'Mn 2'
#
# COMPACT_ATOMS: atom_id res chain seq x y z
N SER A 22 -0.98 1.35 -51.30
CA SER A 22 -2.09 0.38 -51.02
C SER A 22 -2.36 0.28 -49.52
N MET A 23 -3.64 0.27 -49.13
N MET A 23 -3.60 0.34 -49.05
CA MET A 23 -4.09 -0.20 -47.80
CA MET A 23 -3.92 0.09 -47.60
C MET A 23 -3.48 -1.58 -47.56
C MET A 23 -3.77 -1.42 -47.34
N THR A 24 -2.89 -1.76 -46.39
CA THR A 24 -2.39 -3.10 -45.99
C THR A 24 -2.78 -3.34 -44.52
N SER A 25 -2.80 -4.59 -44.13
CA SER A 25 -3.27 -5.00 -42.79
C SER A 25 -2.24 -4.57 -41.74
N HIS A 26 -0.96 -4.62 -42.03
CA HIS A 26 0.11 -4.39 -41.04
C HIS A 26 1.43 -4.10 -41.72
N SER A 27 2.40 -3.75 -40.93
CA SER A 27 3.83 -3.56 -41.29
C SER A 27 4.69 -3.78 -40.04
N TRP A 28 6.00 -3.56 -40.17
CA TRP A 28 6.95 -3.84 -39.06
C TRP A 28 7.74 -2.56 -38.78
N LEU A 29 8.06 -2.36 -37.52
CA LEU A 29 8.98 -1.31 -37.07
C LEU A 29 10.10 -2.01 -36.29
N CYS A 30 11.06 -1.22 -35.77
CA CYS A 30 12.18 -1.75 -34.97
C CYS A 30 12.86 -2.92 -35.72
N ASP A 31 13.05 -2.75 -37.01
CA ASP A 31 13.76 -3.72 -37.91
C ASP A 31 13.13 -5.11 -37.87
N GLY A 32 11.79 -5.24 -37.86
CA GLY A 32 11.01 -6.51 -37.78
C GLY A 32 10.61 -6.95 -36.41
N ARG A 33 11.11 -6.24 -35.35
CA ARG A 33 10.90 -6.68 -33.97
C ARG A 33 9.56 -6.13 -33.39
N LEU A 34 8.89 -5.21 -34.09
CA LEU A 34 7.61 -4.60 -33.53
C LEU A 34 6.51 -4.72 -34.59
N LEU A 35 5.41 -5.40 -34.29
CA LEU A 35 4.20 -5.38 -35.12
C LEU A 35 3.54 -4.02 -35.11
N CYS A 36 3.16 -3.48 -36.29
N CYS A 36 3.10 -3.54 -36.29
CA CYS A 36 2.33 -2.26 -36.45
CA CYS A 36 2.31 -2.31 -36.48
C CYS A 36 1.06 -2.61 -37.21
C CYS A 36 1.04 -2.64 -37.24
N LEU A 37 -0.10 -2.71 -36.53
CA LEU A 37 -1.42 -2.93 -37.14
C LEU A 37 -1.95 -1.61 -37.72
N HIS A 38 -2.57 -1.64 -38.91
CA HIS A 38 -2.97 -0.36 -39.60
C HIS A 38 -4.46 -0.01 -39.46
N ASP A 39 -5.33 -0.94 -39.17
CA ASP A 39 -6.81 -0.74 -39.13
C ASP A 39 -7.27 -1.08 -37.72
N PRO A 40 -7.54 -0.06 -36.84
CA PRO A 40 -7.87 -0.35 -35.44
C PRO A 40 -9.14 -1.18 -35.23
N SER A 41 -10.05 -1.26 -36.20
CA SER A 41 -11.33 -1.98 -36.04
C SER A 41 -11.38 -3.20 -36.95
N ASN A 42 -10.25 -3.65 -37.52
CA ASN A 42 -10.22 -4.92 -38.30
C ASN A 42 -10.51 -6.10 -37.38
N LYS A 43 -11.61 -6.84 -37.64
CA LYS A 43 -12.04 -7.99 -36.80
C LYS A 43 -11.06 -9.17 -36.88
N ASN A 44 -10.08 -9.15 -37.79
CA ASN A 44 -9.07 -10.24 -37.92
C ASN A 44 -7.71 -9.84 -37.27
N ASN A 45 -7.63 -8.69 -36.62
CA ASN A 45 -6.34 -8.24 -35.98
C ASN A 45 -5.81 -9.29 -34.98
N TRP A 46 -6.70 -9.96 -34.23
CA TRP A 46 -6.29 -10.92 -33.17
C TRP A 46 -5.37 -12.02 -33.72
N LYS A 47 -5.55 -12.43 -34.98
CA LYS A 47 -4.75 -13.55 -35.57
C LYS A 47 -3.23 -13.22 -35.62
N ILE A 48 -2.89 -12.00 -36.03
CA ILE A 48 -1.51 -11.44 -36.15
C ILE A 48 -1.00 -11.04 -34.73
N PHE A 49 -1.86 -10.42 -33.94
CA PHE A 49 -1.54 -9.89 -32.59
C PHE A 49 -1.09 -11.02 -31.66
N ARG A 50 -1.88 -12.09 -31.60
CA ARG A 50 -1.74 -13.15 -30.57
CA ARG A 50 -1.69 -13.04 -30.49
C ARG A 50 -0.34 -13.76 -30.61
N GLU A 51 0.17 -13.98 -31.82
CA GLU A 51 1.52 -14.59 -32.09
C GLU A 51 2.63 -13.73 -31.45
N CYS A 52 2.55 -12.42 -31.65
CA CYS A 52 3.57 -11.50 -31.11
C CYS A 52 3.42 -11.30 -29.59
N TRP A 53 2.18 -11.15 -29.18
CA TRP A 53 1.85 -10.93 -27.75
C TRP A 53 2.32 -12.07 -26.85
N LYS A 54 2.14 -13.32 -27.30
CA LYS A 54 2.57 -14.52 -26.52
C LYS A 54 4.08 -14.51 -26.30
N GLN A 55 4.87 -13.89 -27.16
CA GLN A 55 6.34 -13.81 -27.08
C GLN A 55 6.80 -12.70 -26.15
N GLY A 56 5.90 -11.91 -25.60
CA GLY A 56 6.31 -10.87 -24.62
C GLY A 56 6.58 -9.53 -25.29
N GLN A 57 6.27 -9.40 -26.58
CA GLN A 57 6.55 -8.14 -27.32
C GLN A 57 5.47 -7.09 -27.14
N PRO A 58 5.88 -5.80 -27.13
CA PRO A 58 4.91 -4.72 -27.33
C PRO A 58 4.34 -4.76 -28.75
N VAL A 59 3.19 -4.08 -28.98
CA VAL A 59 2.53 -3.94 -30.30
C VAL A 59 2.06 -2.50 -30.47
N LEU A 60 2.09 -1.97 -31.68
CA LEU A 60 1.59 -0.61 -32.01
C LEU A 60 0.38 -0.78 -32.91
N VAL A 61 -0.68 -0.01 -32.68
CA VAL A 61 -1.85 0.07 -33.61
C VAL A 61 -2.04 1.53 -34.04
N SER A 62 -1.99 1.83 -35.35
CA SER A 62 -2.14 3.24 -35.82
C SER A 62 -3.60 3.51 -36.23
N GLY A 63 -3.96 4.82 -36.22
CA GLY A 63 -5.24 5.29 -36.81
C GLY A 63 -6.37 5.47 -35.86
N VAL A 64 -6.21 5.32 -34.54
CA VAL A 64 -7.33 5.39 -33.56
C VAL A 64 -7.95 6.82 -33.58
N HIS A 65 -7.14 7.86 -33.83
CA HIS A 65 -7.64 9.28 -33.85
C HIS A 65 -8.76 9.42 -34.88
N LYS A 66 -8.69 8.69 -35.99
CA LYS A 66 -9.73 8.77 -37.08
C LYS A 66 -11.06 8.15 -36.60
N LYS A 67 -11.10 7.40 -35.49
CA LYS A 67 -12.30 6.74 -34.94
C LYS A 67 -12.96 7.61 -33.87
N LEU A 68 -12.27 8.65 -33.35
CA LEU A 68 -12.73 9.43 -32.18
C LEU A 68 -13.43 10.73 -32.63
N LYS A 69 -14.18 11.32 -31.72
CA LYS A 69 -14.77 12.71 -31.88
C LYS A 69 -13.71 13.73 -31.47
N SER A 70 -12.99 14.29 -32.43
CA SER A 70 -11.80 15.17 -32.26
C SER A 70 -12.12 16.37 -31.34
N GLU A 71 -13.37 16.86 -31.36
CA GLU A 71 -13.73 18.02 -30.50
C GLU A 71 -13.71 17.67 -29.00
N LEU A 72 -13.79 16.39 -28.58
CA LEU A 72 -13.82 15.95 -27.19
C LEU A 72 -12.38 15.92 -26.59
N TRP A 73 -11.34 16.04 -27.40
CA TRP A 73 -9.95 15.74 -26.94
C TRP A 73 -9.05 16.99 -27.09
N LYS A 74 -9.63 18.18 -27.09
CA LYS A 74 -8.83 19.44 -27.24
C LYS A 74 -8.53 20.04 -25.87
N PRO A 75 -7.32 20.61 -25.70
CA PRO A 75 -6.95 21.26 -24.44
C PRO A 75 -7.90 22.41 -24.02
N GLU A 76 -8.36 23.21 -25.00
CA GLU A 76 -9.25 24.37 -24.68
C GLU A 76 -10.58 23.87 -24.08
N ALA A 77 -11.11 22.73 -24.52
CA ALA A 77 -12.36 22.17 -23.98
C ALA A 77 -12.14 21.71 -22.54
N PHE A 78 -11.00 21.07 -22.22
CA PHE A 78 -10.74 20.61 -20.83
C PHE A 78 -10.64 21.85 -19.92
N SER A 79 -10.00 22.91 -20.40
CA SER A 79 -9.85 24.14 -19.58
C SER A 79 -11.22 24.80 -19.32
N GLN A 80 -12.06 24.88 -20.35
CA GLN A 80 -13.41 25.54 -20.26
C GLN A 80 -14.29 24.75 -19.29
N GLU A 81 -14.34 23.41 -19.44
CA GLU A 81 -15.30 22.56 -18.69
C GLU A 81 -14.83 22.28 -17.25
N PHE A 82 -13.53 22.15 -16.98
CA PHE A 82 -13.00 21.65 -15.70
C PHE A 82 -11.97 22.58 -15.06
N GLY A 83 -11.75 23.81 -15.59
CA GLY A 83 -10.64 24.71 -15.21
C GLY A 83 -10.60 25.16 -13.77
N ASP A 84 -11.76 25.11 -13.06
CA ASP A 84 -11.83 25.54 -11.63
C ASP A 84 -11.48 24.45 -10.62
N GLN A 85 -11.14 23.23 -11.08
CA GLN A 85 -10.71 22.17 -10.14
C GLN A 85 -9.32 22.39 -9.61
N ASP A 86 -9.08 22.00 -8.36
CA ASP A 86 -7.76 22.09 -7.67
C ASP A 86 -6.93 20.84 -7.95
N VAL A 87 -5.64 21.02 -8.24
CA VAL A 87 -4.72 19.92 -8.69
C VAL A 87 -3.31 20.24 -8.26
N ASP A 88 -2.41 19.24 -8.29
CA ASP A 88 -0.96 19.41 -8.16
C ASP A 88 -0.32 19.13 -9.54
N LEU A 89 0.75 19.85 -9.84
CA LEU A 89 1.62 19.64 -11.04
C LEU A 89 2.98 19.13 -10.59
N VAL A 90 3.73 18.56 -11.52
CA VAL A 90 5.17 18.23 -11.36
C VAL A 90 6.02 19.00 -12.37
N ASN A 91 7.11 19.60 -11.89
CA ASN A 91 8.15 20.20 -12.73
C ASN A 91 9.00 19.04 -13.25
N CYS A 92 8.86 18.68 -14.54
CA CYS A 92 9.57 17.49 -15.10
C CYS A 92 11.09 17.61 -14.95
N ARG A 93 11.68 18.81 -14.95
CA ARG A 93 13.15 19.02 -14.94
C ARG A 93 13.79 18.67 -13.59
N ASN A 94 13.10 18.87 -12.46
CA ASN A 94 13.70 18.67 -11.10
C ASN A 94 12.78 17.90 -10.16
N CYS A 95 11.65 17.36 -10.63
CA CYS A 95 10.60 16.64 -9.83
C CYS A 95 9.96 17.46 -8.71
N ALA A 96 10.12 18.79 -8.63
CA ALA A 96 9.42 19.64 -7.63
C ALA A 96 7.91 19.58 -7.87
N ILE A 97 7.13 19.54 -6.78
CA ILE A 97 5.65 19.50 -6.81
C ILE A 97 5.12 20.94 -6.67
N ILE A 98 4.26 21.35 -7.60
CA ILE A 98 3.57 22.65 -7.54
C ILE A 98 2.19 22.34 -6.94
N SER A 99 1.96 22.70 -5.66
CA SER A 99 0.76 22.26 -4.90
C SER A 99 -0.47 23.17 -5.07
N ASP A 100 -1.64 22.57 -5.19
CA ASP A 100 -2.97 23.20 -4.99
C ASP A 100 -3.11 24.43 -5.89
N VAL A 101 -2.90 24.24 -7.18
CA VAL A 101 -3.22 25.27 -8.22
C VAL A 101 -4.47 24.86 -8.99
N LYS A 102 -4.98 25.70 -9.86
CA LYS A 102 -6.19 25.43 -10.67
C LYS A 102 -5.78 24.67 -11.91
N VAL A 103 -6.62 23.74 -12.35
CA VAL A 103 -6.21 22.98 -13.57
C VAL A 103 -6.15 23.86 -14.83
N ARG A 104 -6.86 25.00 -14.91
CA ARG A 104 -6.68 25.94 -16.06
C ARG A 104 -5.23 26.46 -16.08
N ASP A 105 -4.55 26.57 -14.94
CA ASP A 105 -3.15 27.09 -14.91
C ASP A 105 -2.26 26.16 -15.76
N PHE A 106 -2.60 24.84 -15.77
CA PHE A 106 -1.85 23.88 -16.63
C PHE A 106 -2.36 24.02 -18.07
N TRP A 107 -3.67 23.86 -18.29
CA TRP A 107 -4.22 23.78 -19.66
C TRP A 107 -3.93 25.05 -20.50
N ASP A 108 -4.03 26.23 -19.92
CA ASP A 108 -3.87 27.50 -20.72
C ASP A 108 -2.41 27.68 -21.21
N GLY A 109 -1.39 27.00 -20.65
CA GLY A 109 -0.03 27.05 -21.18
C GLY A 109 0.34 25.78 -22.01
N PHE A 110 -0.64 24.96 -22.39
CA PHE A 110 -0.37 23.64 -23.06
C PHE A 110 0.37 23.85 -24.38
N GLU A 111 -0.02 24.86 -25.15
CA GLU A 111 0.58 25.21 -26.47
C GLU A 111 1.15 26.62 -26.52
N ILE A 112 0.61 27.55 -25.73
CA ILE A 112 1.15 28.94 -25.71
C ILE A 112 2.22 29.08 -24.64
N ILE A 113 3.49 29.14 -25.01
CA ILE A 113 4.63 29.12 -24.09
C ILE A 113 4.59 30.38 -23.16
N CYS A 114 4.19 31.59 -23.72
CA CYS A 114 3.95 32.96 -23.07
C CYS A 114 2.94 32.81 -21.91
N LYS A 115 2.35 31.64 -21.65
CA LYS A 115 1.29 31.54 -20.59
C LYS A 115 1.72 30.52 -19.53
N ARG A 116 2.87 29.87 -19.66
CA ARG A 116 3.29 28.82 -18.70
C ARG A 116 3.78 29.44 -17.40
N LEU A 117 3.52 28.78 -16.26
CA LEU A 117 4.13 29.01 -14.93
C LEU A 117 5.67 28.99 -15.01
N ARG A 118 6.36 29.96 -14.38
CA ARG A 118 7.83 30.15 -14.56
C ARG A 118 8.57 29.68 -13.32
N SER A 119 9.74 29.08 -13.55
CA SER A 119 10.69 28.77 -12.46
C SER A 119 11.39 30.10 -12.07
N GLU A 120 12.15 30.03 -10.99
CA GLU A 120 12.97 31.17 -10.45
C GLU A 120 13.86 31.77 -11.55
N ASP A 121 14.46 30.94 -12.40
CA ASP A 121 15.37 31.39 -13.50
C ASP A 121 14.60 32.21 -14.54
N GLY A 122 13.27 32.32 -14.39
CA GLY A 122 12.39 33.03 -15.34
C GLY A 122 12.11 32.26 -16.61
N GLN A 123 12.45 30.96 -16.68
CA GLN A 123 12.10 30.14 -17.87
C GLN A 123 10.69 29.57 -17.66
N PRO A 124 9.98 29.34 -18.75
CA PRO A 124 8.72 28.63 -18.67
C PRO A 124 9.01 27.16 -18.29
N MET A 125 8.20 26.62 -17.38
CA MET A 125 8.40 25.22 -16.86
C MET A 125 7.82 24.19 -17.84
N VAL A 126 8.46 23.00 -17.86
CA VAL A 126 7.88 21.79 -18.49
C VAL A 126 7.15 21.02 -17.40
N LEU A 127 5.81 21.01 -17.48
CA LEU A 127 4.93 20.53 -16.40
C LEU A 127 4.17 19.27 -16.83
N LYS A 128 3.91 18.41 -15.85
CA LYS A 128 3.02 17.25 -15.91
C LYS A 128 1.85 17.49 -14.94
N LEU A 129 0.64 17.22 -15.38
CA LEU A 129 -0.58 17.30 -14.57
C LEU A 129 -0.73 15.96 -13.81
N LYS A 130 -0.64 16.01 -12.49
CA LYS A 130 -0.61 14.75 -11.66
C LYS A 130 -2.04 14.28 -11.38
N ASP A 131 -2.31 12.97 -11.54
CA ASP A 131 -3.51 12.25 -11.00
C ASP A 131 -4.80 13.00 -11.35
N TRP A 132 -5.05 13.25 -12.63
CA TRP A 132 -6.24 14.00 -13.13
C TRP A 132 -6.80 13.38 -14.40
N PRO A 133 -8.10 13.06 -14.48
CA PRO A 133 -9.00 12.98 -13.30
C PRO A 133 -8.48 12.07 -12.19
N PRO A 134 -8.83 12.34 -10.90
CA PRO A 134 -8.22 11.60 -9.81
C PRO A 134 -8.79 10.18 -9.63
N GLY A 135 -7.91 9.30 -9.17
CA GLY A 135 -8.19 7.87 -8.88
C GLY A 135 -8.98 7.23 -10.00
N GLU A 136 -10.17 6.71 -9.70
CA GLU A 136 -11.07 5.99 -10.65
C GLU A 136 -12.17 6.90 -11.18
N ASP A 137 -12.03 8.24 -11.11
CA ASP A 137 -13.17 9.18 -11.35
C ASP A 137 -13.35 9.55 -12.83
N PHE A 138 -12.55 9.04 -13.79
CA PHE A 138 -12.69 9.46 -15.21
C PHE A 138 -14.13 9.30 -15.71
N ARG A 139 -14.72 8.13 -15.52
CA ARG A 139 -16.07 7.78 -16.06
C ARG A 139 -17.16 8.73 -15.51
N ASP A 140 -17.10 9.01 -14.22
CA ASP A 140 -18.08 9.88 -13.51
C ASP A 140 -17.91 11.32 -14.00
N MET A 141 -16.66 11.78 -14.13
CA MET A 141 -16.34 13.20 -14.49
C MET A 141 -16.60 13.45 -15.98
N MET A 142 -16.28 12.47 -16.87
CA MET A 142 -16.27 12.66 -18.34
C MET A 142 -16.99 11.51 -19.03
N PRO A 143 -18.32 11.34 -18.83
CA PRO A 143 -19.01 10.18 -19.40
C PRO A 143 -19.01 10.10 -20.92
N THR A 144 -19.02 11.21 -21.65
CA THR A 144 -19.00 11.26 -23.12
C THR A 144 -17.60 10.85 -23.62
N ARG A 145 -16.53 11.31 -22.97
CA ARG A 145 -15.12 10.94 -23.33
C ARG A 145 -14.95 9.44 -23.07
N PHE A 146 -15.46 8.95 -21.95
CA PHE A 146 -15.39 7.53 -21.54
C PHE A 146 -15.96 6.67 -22.67
N GLU A 147 -17.19 6.96 -23.11
CA GLU A 147 -17.88 6.20 -24.20
C GLU A 147 -17.07 6.27 -25.48
N ASP A 148 -16.57 7.45 -25.86
CA ASP A 148 -15.85 7.65 -27.15
C ASP A 148 -14.61 6.74 -27.13
N LEU A 149 -13.90 6.72 -26.01
CA LEU A 149 -12.62 5.94 -25.95
C LEU A 149 -12.96 4.46 -25.96
N MET A 150 -13.79 4.01 -25.00
CA MET A 150 -13.97 2.56 -24.74
C MET A 150 -14.57 1.89 -25.97
N GLU A 151 -15.42 2.54 -26.76
CA GLU A 151 -16.06 1.97 -27.96
C GLU A 151 -15.12 1.89 -29.17
N ASN A 152 -13.93 2.50 -29.08
CA ASN A 152 -13.00 2.61 -30.22
C ASN A 152 -11.62 1.99 -29.86
N LEU A 153 -11.47 1.41 -28.70
CA LEU A 153 -10.16 0.71 -28.37
C LEU A 153 -9.93 -0.45 -29.34
N PRO A 154 -8.70 -0.61 -29.87
CA PRO A 154 -8.35 -1.80 -30.66
C PRO A 154 -8.28 -3.06 -29.80
N LEU A 155 -8.34 -4.24 -30.45
CA LEU A 155 -8.27 -5.56 -29.80
C LEU A 155 -9.29 -5.65 -28.65
N PRO A 156 -10.59 -5.36 -28.97
CA PRO A 156 -11.59 -5.21 -27.90
C PRO A 156 -11.83 -6.47 -27.04
N GLU A 157 -11.58 -7.70 -27.52
CA GLU A 157 -11.77 -8.88 -26.65
C GLU A 157 -10.75 -8.85 -25.50
N TYR A 158 -9.56 -8.26 -25.73
CA TYR A 158 -8.53 -8.04 -24.69
C TYR A 158 -8.82 -6.79 -23.84
N THR A 159 -9.19 -5.66 -24.47
CA THR A 159 -9.09 -4.30 -23.86
C THR A 159 -10.40 -3.79 -23.23
N LYS A 160 -11.57 -4.30 -23.59
CA LYS A 160 -12.84 -3.80 -22.99
C LYS A 160 -12.99 -4.43 -21.60
N ARG A 161 -13.71 -3.74 -20.69
CA ARG A 161 -13.77 -4.16 -19.27
C ARG A 161 -14.30 -5.60 -19.12
N ASP A 162 -15.23 -5.99 -19.98
CA ASP A 162 -15.89 -7.31 -20.01
C ASP A 162 -15.47 -8.14 -21.23
N GLY A 163 -14.40 -7.76 -21.94
CA GLY A 163 -13.93 -8.59 -23.06
C GLY A 163 -13.72 -10.03 -22.62
N ARG A 164 -13.93 -10.97 -23.54
CA ARG A 164 -13.74 -12.42 -23.26
C ARG A 164 -12.31 -12.76 -22.90
N LEU A 165 -11.29 -12.05 -23.42
CA LEU A 165 -9.90 -12.35 -23.11
C LEU A 165 -9.31 -11.35 -22.10
N ASN A 166 -10.19 -10.64 -21.38
CA ASN A 166 -9.72 -9.80 -20.26
C ASN A 166 -10.15 -10.51 -18.96
N LEU A 167 -9.20 -10.99 -18.21
CA LEU A 167 -9.50 -11.78 -16.98
C LEU A 167 -9.67 -10.82 -15.76
N ALA A 168 -9.57 -9.51 -15.94
CA ALA A 168 -9.59 -8.56 -14.78
C ALA A 168 -10.80 -8.79 -13.87
N SER A 169 -11.98 -8.95 -14.41
CA SER A 169 -13.24 -9.08 -13.60
C SER A 169 -13.47 -10.52 -13.14
N ARG A 170 -12.60 -11.47 -13.48
CA ARG A 170 -12.86 -12.93 -13.34
C ARG A 170 -11.88 -13.57 -12.37
N LEU A 171 -11.01 -12.82 -11.72
CA LEU A 171 -9.93 -13.45 -10.93
C LEU A 171 -10.17 -13.31 -9.42
N PRO A 172 -9.75 -14.31 -8.63
CA PRO A 172 -9.88 -14.16 -7.17
C PRO A 172 -8.72 -13.31 -6.62
N SER A 173 -8.73 -13.13 -5.29
CA SER A 173 -7.82 -12.21 -4.57
C SER A 173 -6.39 -12.70 -4.52
N TYR A 174 -6.08 -13.89 -5.00
CA TYR A 174 -4.72 -14.41 -5.20
C TYR A 174 -4.03 -13.65 -6.35
N PHE A 175 -4.75 -12.78 -7.06
CA PHE A 175 -4.19 -11.96 -8.18
C PHE A 175 -4.39 -10.47 -7.87
N VAL A 176 -3.38 -9.64 -8.16
CA VAL A 176 -3.50 -8.17 -8.05
C VAL A 176 -4.35 -7.74 -9.25
N ARG A 177 -5.49 -7.12 -9.02
CA ARG A 177 -6.41 -6.68 -10.07
C ARG A 177 -6.18 -5.20 -10.36
N PRO A 178 -6.26 -4.73 -11.63
CA PRO A 178 -6.13 -3.31 -11.91
C PRO A 178 -7.30 -2.48 -11.37
N ASP A 179 -7.05 -1.19 -11.12
CA ASP A 179 -8.10 -0.22 -10.75
C ASP A 179 -9.02 -0.09 -11.95
N LEU A 180 -10.22 0.46 -11.73
CA LEU A 180 -11.15 0.86 -12.81
C LEU A 180 -10.56 2.07 -13.55
N GLY A 181 -10.54 2.01 -14.86
CA GLY A 181 -9.84 3.02 -15.70
C GLY A 181 -10.91 3.75 -16.51
N PRO A 182 -10.55 4.44 -17.59
CA PRO A 182 -9.15 4.66 -17.96
C PRO A 182 -8.48 5.75 -17.11
N LYS A 183 -7.19 6.00 -17.36
CA LYS A 183 -6.35 7.04 -16.71
C LYS A 183 -5.80 7.99 -17.79
N MET A 184 -5.86 9.30 -17.56
CA MET A 184 -5.39 10.32 -18.48
C MET A 184 -4.00 10.78 -18.06
N TYR A 185 -3.10 10.95 -19.03
CA TYR A 185 -1.70 11.37 -18.82
C TYR A 185 -1.44 12.59 -19.70
N ASN A 186 -1.30 13.76 -19.04
CA ASN A 186 -1.21 15.09 -19.69
C ASN A 186 0.09 15.77 -19.26
N ALA A 187 0.92 16.18 -20.22
CA ALA A 187 2.20 16.80 -19.92
C ALA A 187 2.70 17.59 -21.12
N TYR A 188 3.46 18.65 -20.83
CA TYR A 188 4.12 19.46 -21.86
C TYR A 188 5.25 18.66 -22.53
N GLY A 189 5.73 19.14 -23.67
CA GLY A 189 6.92 18.56 -24.34
C GLY A 189 8.21 19.03 -23.72
N LEU A 190 9.21 18.16 -23.65
CA LEU A 190 10.58 18.51 -23.28
C LEU A 190 11.23 19.24 -24.47
N ILE A 191 12.09 20.24 -24.16
CA ILE A 191 12.46 21.30 -25.15
C ILE A 191 13.97 21.32 -25.44
N THR A 192 14.81 21.39 -24.42
CA THR A 192 16.24 21.77 -24.55
C THR A 192 17.14 20.56 -24.75
N ALA A 193 18.41 20.79 -25.04
CA ALA A 193 19.42 19.71 -25.12
C ALA A 193 19.56 19.06 -23.74
N GLU A 194 19.59 19.83 -22.65
CA GLU A 194 19.65 19.27 -21.28
C GLU A 194 18.39 18.40 -21.02
N ASP A 195 17.23 18.81 -21.54
CA ASP A 195 15.98 18.05 -21.32
C ASP A 195 16.05 16.66 -21.98
N ARG A 196 17.00 16.38 -22.88
CA ARG A 196 17.06 15.08 -23.61
C ARG A 196 17.25 13.95 -22.59
N ARG A 197 17.89 14.22 -21.46
CA ARG A 197 18.20 13.19 -20.41
C ARG A 197 17.10 13.03 -19.36
N VAL A 198 15.95 13.74 -19.48
CA VAL A 198 14.85 13.77 -18.49
C VAL A 198 13.69 12.89 -19.02
N GLY A 199 12.95 12.23 -18.12
CA GLY A 199 11.70 11.53 -18.50
C GLY A 199 10.47 12.38 -18.24
N THR A 200 9.43 12.18 -19.02
CA THR A 200 8.05 12.59 -18.65
C THR A 200 7.54 11.61 -17.60
N THR A 201 7.67 10.30 -17.87
CA THR A 201 7.40 9.22 -16.91
C THR A 201 8.67 8.36 -16.80
N ASN A 202 9.26 8.27 -15.64
CA ASN A 202 10.49 7.50 -15.38
C ASN A 202 10.25 6.00 -15.57
N LEU A 203 11.37 5.29 -15.67
CA LEU A 203 11.38 3.81 -15.82
C LEU A 203 10.60 3.16 -14.69
N HIS A 204 9.67 2.26 -15.02
CA HIS A 204 8.79 1.54 -14.08
C HIS A 204 8.20 0.31 -14.75
N LEU A 205 7.49 -0.53 -13.99
CA LEU A 205 6.70 -1.62 -14.61
C LEU A 205 5.36 -1.74 -13.90
N ASP A 206 4.40 -2.35 -14.59
CA ASP A 206 2.99 -2.56 -14.15
C ASP A 206 2.75 -4.07 -14.13
N VAL A 207 2.01 -4.60 -13.15
CA VAL A 207 1.75 -6.06 -13.12
C VAL A 207 0.55 -6.44 -13.97
N SER A 208 -0.18 -5.47 -14.52
N SER A 208 -0.18 -5.47 -14.50
CA SER A 208 -1.24 -5.68 -15.55
CA SER A 208 -1.25 -5.67 -15.50
C SER A 208 -0.77 -5.22 -16.93
C SER A 208 -0.70 -5.33 -16.91
N ASP A 209 -1.38 -5.79 -17.97
CA ASP A 209 -1.17 -5.26 -19.33
C ASP A 209 -1.77 -3.86 -19.45
N ALA A 210 -1.37 -3.08 -20.45
CA ALA A 210 -2.02 -1.77 -20.71
C ALA A 210 -2.06 -1.42 -22.17
N VAL A 211 -3.04 -0.64 -22.60
CA VAL A 211 -3.08 0.02 -23.95
C VAL A 211 -3.09 1.52 -23.73
N ASN A 212 -2.19 2.24 -24.36
CA ASN A 212 -1.98 3.70 -24.16
C ASN A 212 -2.24 4.39 -25.49
N VAL A 213 -3.32 5.22 -25.59
CA VAL A 213 -3.71 5.88 -26.86
C VAL A 213 -3.31 7.39 -26.87
N MET A 214 -2.65 7.85 -27.91
CA MET A 214 -2.29 9.30 -28.08
C MET A 214 -3.51 9.97 -28.77
N VAL A 215 -4.25 10.80 -28.01
CA VAL A 215 -5.55 11.39 -28.50
C VAL A 215 -5.32 12.84 -28.94
N TYR A 216 -4.22 13.48 -28.57
CA TYR A 216 -3.93 14.88 -29.01
C TYR A 216 -2.43 15.16 -28.89
N VAL A 217 -1.85 15.84 -29.86
CA VAL A 217 -0.47 16.35 -29.83
C VAL A 217 -0.55 17.87 -30.15
N GLY A 218 -0.01 18.64 -29.24
CA GLY A 218 0.01 20.11 -29.33
C GLY A 218 1.40 20.56 -29.63
N ILE A 219 1.58 21.12 -30.81
CA ILE A 219 2.89 21.65 -31.25
C ILE A 219 2.87 23.17 -31.04
N PRO A 220 3.63 23.72 -30.06
CA PRO A 220 3.47 25.10 -29.64
C PRO A 220 3.88 26.21 -30.62
N ILE A 221 3.78 27.45 -30.10
CA ILE A 221 3.95 28.79 -30.73
C ILE A 221 4.54 29.75 -29.66
N GLY A 222 5.33 30.73 -30.12
CA GLY A 222 6.09 31.69 -29.28
C GLY A 222 7.56 31.34 -29.26
N GLU A 223 7.88 30.14 -28.77
CA GLU A 223 9.14 29.40 -29.07
C GLU A 223 8.76 28.24 -30.00
N GLY A 224 8.15 28.58 -31.14
CA GLY A 224 7.76 27.67 -32.24
C GLY A 224 8.69 27.86 -33.44
N ALA A 225 9.29 26.76 -33.89
CA ALA A 225 10.57 26.67 -34.65
C ALA A 225 11.52 25.69 -33.94
N HIS A 226 10.98 24.91 -32.99
CA HIS A 226 11.68 24.02 -32.02
C HIS A 226 11.87 22.63 -32.65
N ASP A 227 11.87 22.57 -33.99
CA ASP A 227 11.66 21.36 -34.82
C ASP A 227 12.92 20.49 -34.78
N GLU A 228 14.11 21.06 -34.58
CA GLU A 228 15.40 20.38 -34.90
C GLU A 228 15.95 19.62 -33.70
N GLU A 229 15.79 20.12 -32.46
CA GLU A 229 16.16 19.35 -31.22
C GLU A 229 15.29 18.07 -31.12
N VAL A 230 14.03 18.11 -31.57
CA VAL A 230 13.13 16.91 -31.67
C VAL A 230 13.76 15.84 -32.60
N LEU A 231 14.35 16.21 -33.75
CA LEU A 231 14.99 15.21 -34.67
C LEU A 231 16.24 14.55 -34.02
N LYS A 232 17.06 15.32 -33.32
N LYS A 232 17.07 15.35 -33.35
CA LYS A 232 18.27 14.80 -32.65
CA LYS A 232 18.26 14.84 -32.63
C LYS A 232 17.86 13.88 -31.48
C LYS A 232 17.82 13.85 -31.54
N THR A 233 16.72 14.16 -30.85
CA THR A 233 16.19 13.32 -29.73
C THR A 233 15.75 11.94 -30.25
N ILE A 234 15.01 11.92 -31.34
CA ILE A 234 14.54 10.67 -32.02
C ILE A 234 15.75 9.88 -32.52
N ASP A 235 16.70 10.55 -33.18
CA ASP A 235 17.90 9.88 -33.73
C ASP A 235 18.74 9.24 -32.60
N GLU A 236 19.09 10.05 -31.60
CA GLU A 236 19.90 9.63 -30.42
C GLU A 236 19.11 8.62 -29.58
N GLY A 237 17.77 8.71 -29.60
CA GLY A 237 16.88 7.73 -28.96
C GLY A 237 16.91 6.35 -29.59
N ASP A 238 17.58 6.16 -30.76
CA ASP A 238 17.76 4.84 -31.43
C ASP A 238 16.54 4.45 -32.28
N ALA A 239 15.72 5.42 -32.71
CA ALA A 239 14.54 5.16 -33.57
C ALA A 239 14.99 4.58 -34.90
N ASP A 240 14.25 3.63 -35.48
CA ASP A 240 14.63 2.91 -36.72
C ASP A 240 14.37 3.83 -37.91
N GLU A 241 14.89 3.43 -39.09
CA GLU A 241 14.86 4.28 -40.31
C GLU A 241 13.42 4.38 -40.82
N VAL A 242 12.62 3.32 -40.72
CA VAL A 242 11.20 3.35 -41.17
C VAL A 242 10.40 4.37 -40.31
N THR A 243 10.67 4.45 -39.00
CA THR A 243 10.02 5.42 -38.08
C THR A 243 10.42 6.84 -38.48
N LYS A 244 11.67 7.06 -38.88
CA LYS A 244 12.11 8.42 -39.33
C LYS A 244 11.35 8.82 -40.61
N GLU A 245 10.90 7.87 -41.43
CA GLU A 245 10.15 8.15 -42.68
C GLU A 245 8.72 8.66 -42.37
N ARG A 246 8.09 8.34 -41.20
CA ARG A 246 6.70 8.78 -40.89
C ARG A 246 6.62 10.31 -40.71
N ILE A 247 7.70 10.93 -40.22
CA ILE A 247 7.88 12.42 -40.10
C ILE A 247 8.09 13.02 -41.51
N HIS A 248 9.21 12.64 -42.14
CA HIS A 248 9.79 13.30 -43.33
C HIS A 248 8.90 13.06 -44.58
N ASP A 249 8.18 11.94 -44.66
CA ASP A 249 7.42 11.52 -45.87
C ASP A 249 5.90 11.75 -45.69
N HIS A 250 5.32 11.47 -44.51
CA HIS A 250 3.83 11.46 -44.28
C HIS A 250 3.35 12.64 -43.43
N LYS A 251 4.26 13.44 -42.86
CA LYS A 251 4.01 14.63 -42.01
C LYS A 251 3.00 14.31 -40.87
N GLU A 252 3.01 13.09 -40.31
CA GLU A 252 2.27 12.76 -39.06
C GLU A 252 2.92 13.53 -37.89
N LYS A 253 2.15 13.80 -36.83
CA LYS A 253 2.58 14.54 -35.61
C LYS A 253 3.14 13.57 -34.57
N PRO A 254 4.46 13.61 -34.28
CA PRO A 254 5.07 12.74 -33.26
C PRO A 254 4.77 13.28 -31.85
N GLY A 255 4.26 12.47 -30.95
CA GLY A 255 3.98 12.90 -29.57
C GLY A 255 5.11 12.59 -28.59
N ALA A 256 5.52 11.30 -28.47
CA ALA A 256 6.38 10.81 -27.36
C ALA A 256 7.31 9.68 -27.83
N LEU A 257 8.49 9.71 -27.25
CA LEU A 257 9.51 8.62 -27.45
C LEU A 257 9.42 7.70 -26.24
N TRP A 258 9.15 6.42 -26.49
CA TRP A 258 9.13 5.32 -25.46
C TRP A 258 10.40 4.46 -25.57
N HIS A 259 10.86 3.92 -24.46
CA HIS A 259 11.74 2.72 -24.48
C HIS A 259 11.03 1.68 -23.64
N ILE A 260 10.87 0.48 -24.20
CA ILE A 260 10.23 -0.67 -23.55
C ILE A 260 11.26 -1.82 -23.53
N TYR A 261 11.31 -2.57 -22.43
CA TYR A 261 12.22 -3.73 -22.25
C TYR A 261 11.36 -4.96 -21.92
N ALA A 262 11.82 -6.16 -22.37
CA ALA A 262 11.10 -7.40 -22.08
C ALA A 262 11.06 -7.67 -20.57
N ALA A 263 9.95 -8.21 -20.09
CA ALA A 263 9.81 -8.56 -18.68
C ALA A 263 10.98 -9.47 -18.22
N LYS A 264 11.47 -10.34 -19.09
CA LYS A 264 12.54 -11.30 -18.70
C LYS A 264 13.84 -10.57 -18.40
N ASP A 265 13.97 -9.30 -18.82
CA ASP A 265 15.21 -8.51 -18.64
C ASP A 265 15.15 -7.59 -17.43
N ALA A 266 14.05 -7.61 -16.66
CA ALA A 266 13.86 -6.63 -15.55
C ALA A 266 14.99 -6.76 -14.50
N GLU A 267 15.39 -7.99 -14.12
CA GLU A 267 16.45 -8.12 -13.05
C GLU A 267 17.80 -7.59 -13.55
N LYS A 268 18.22 -7.84 -14.80
CA LYS A 268 19.46 -7.28 -15.36
C LYS A 268 19.44 -5.75 -15.32
N ILE A 269 18.29 -5.13 -15.63
CA ILE A 269 18.14 -3.65 -15.49
C ILE A 269 18.32 -3.25 -14.03
N ARG A 270 17.75 -3.97 -13.07
CA ARG A 270 17.95 -3.63 -11.64
C ARG A 270 19.46 -3.74 -11.29
N GLU A 271 20.15 -4.72 -11.80
CA GLU A 271 21.61 -4.85 -11.51
C GLU A 271 22.36 -3.63 -12.02
N LEU A 272 22.11 -3.16 -13.25
CA LEU A 272 22.78 -1.95 -13.81
C LEU A 272 22.48 -0.76 -12.90
N LEU A 273 21.22 -0.57 -12.52
CA LEU A 273 20.84 0.66 -11.79
C LEU A 273 21.41 0.62 -10.36
N ARG A 274 21.56 -0.55 -9.75
CA ARG A 274 22.24 -0.64 -8.42
C ARG A 274 23.71 -0.25 -8.59
N LYS A 275 24.38 -0.71 -9.63
CA LYS A 275 25.80 -0.36 -9.92
C LYS A 275 25.93 1.15 -10.13
N VAL A 276 25.04 1.73 -10.95
CA VAL A 276 25.13 3.20 -11.22
C VAL A 276 24.80 3.98 -9.94
N GLY A 277 23.81 3.59 -9.13
CA GLY A 277 23.43 4.31 -7.91
C GLY A 277 24.62 4.35 -6.95
N GLU A 278 25.34 3.24 -6.87
CA GLU A 278 26.60 3.10 -6.06
C GLU A 278 27.68 4.04 -6.64
N GLU A 279 27.96 4.01 -7.94
CA GLU A 279 28.95 4.89 -8.58
C GLU A 279 28.63 6.36 -8.27
N GLN A 280 27.35 6.73 -8.21
CA GLN A 280 26.91 8.13 -7.96
C GLN A 280 26.82 8.42 -6.45
N GLY A 281 27.33 7.54 -5.61
CA GLY A 281 27.37 7.76 -4.15
C GLY A 281 26.03 7.64 -3.47
N GLN A 282 24.97 7.14 -4.13
CA GLN A 282 23.73 6.74 -3.40
C GLN A 282 24.14 5.62 -2.42
N GLU A 283 23.46 5.51 -1.27
CA GLU A 283 23.80 4.48 -0.25
C GLU A 283 22.57 3.59 -0.10
N ASN A 284 22.52 2.51 -0.88
CA ASN A 284 21.31 1.66 -1.05
C ASN A 284 21.63 0.25 -0.57
N PRO A 285 20.69 -0.44 0.12
CA PRO A 285 20.85 -1.86 0.45
C PRO A 285 20.92 -2.72 -0.80
N PRO A 286 21.62 -3.88 -0.78
CA PRO A 286 21.95 -4.64 -1.99
C PRO A 286 20.73 -5.19 -2.74
N ASP A 287 19.57 -5.17 -2.09
CA ASP A 287 18.30 -5.78 -2.56
C ASP A 287 17.28 -4.71 -2.98
N HIS A 288 17.56 -3.40 -2.82
CA HIS A 288 16.52 -2.37 -3.08
C HIS A 288 16.18 -2.43 -4.58
N ASP A 289 14.99 -1.93 -4.92
CA ASP A 289 14.41 -2.10 -6.29
C ASP A 289 14.36 -0.74 -6.98
N PRO A 290 15.37 -0.43 -7.84
CA PRO A 290 15.43 0.83 -8.60
C PRO A 290 14.29 0.99 -9.62
N ILE A 291 13.69 -0.11 -10.11
CA ILE A 291 12.54 0.02 -11.05
C ILE A 291 11.29 0.43 -10.25
N HIS A 292 10.99 -0.24 -9.11
CA HIS A 292 9.79 0.12 -8.30
C HIS A 292 9.89 1.56 -7.79
N ASP A 293 11.07 2.04 -7.47
CA ASP A 293 11.33 3.44 -7.00
C ASP A 293 10.94 4.51 -8.03
N GLN A 294 10.95 4.20 -9.35
CA GLN A 294 10.45 5.12 -10.42
C GLN A 294 11.29 6.41 -10.39
N SER A 295 12.58 6.28 -10.10
CA SER A 295 13.49 7.41 -9.92
C SER A 295 14.47 7.57 -11.11
N TRP A 296 14.55 6.61 -12.05
CA TRP A 296 15.56 6.63 -13.13
C TRP A 296 14.95 6.88 -14.52
N TYR A 297 15.65 7.60 -15.38
CA TYR A 297 15.42 7.69 -16.84
C TYR A 297 16.69 7.21 -17.54
N LEU A 298 16.58 6.18 -18.36
CA LEU A 298 17.77 5.66 -19.09
C LEU A 298 18.04 6.59 -20.27
N ASP A 299 19.08 7.44 -20.15
CA ASP A 299 19.54 8.32 -21.22
C ASP A 299 20.44 7.55 -22.23
N GLN A 300 20.95 8.17 -23.27
CA GLN A 300 21.72 7.48 -24.30
C GLN A 300 22.91 6.74 -23.66
N THR A 301 23.57 7.34 -22.67
CA THR A 301 24.75 6.73 -22.00
C THR A 301 24.29 5.44 -21.32
N LEU A 302 23.18 5.50 -20.59
CA LEU A 302 22.73 4.32 -19.79
C LEU A 302 22.19 3.23 -20.74
N ARG A 303 21.49 3.58 -21.81
CA ARG A 303 20.93 2.57 -22.73
C ARG A 303 22.10 1.83 -23.38
N LYS A 304 23.16 2.53 -23.75
CA LYS A 304 24.33 1.87 -24.39
C LYS A 304 25.02 0.94 -23.36
N ARG A 305 25.19 1.36 -22.11
CA ARG A 305 25.79 0.54 -21.03
C ARG A 305 24.93 -0.72 -20.80
N LEU A 306 23.60 -0.62 -20.87
CA LEU A 306 22.69 -1.77 -20.69
C LEU A 306 22.98 -2.78 -21.80
N TYR A 307 23.11 -2.33 -23.03
CA TYR A 307 23.35 -3.20 -24.19
C TYR A 307 24.75 -3.83 -24.03
N GLU A 308 25.80 -3.02 -23.84
CA GLU A 308 27.23 -3.48 -23.95
C GLU A 308 27.55 -4.37 -22.74
N GLU A 309 27.16 -4.00 -21.53
CA GLU A 309 27.66 -4.59 -20.25
C GLU A 309 26.74 -5.72 -19.78
N TYR A 310 25.44 -5.71 -20.17
CA TYR A 310 24.45 -6.70 -19.68
C TYR A 310 23.80 -7.44 -20.86
N GLY A 311 24.04 -7.08 -22.12
CA GLY A 311 23.48 -7.81 -23.26
C GLY A 311 21.96 -7.64 -23.46
N VAL A 312 21.43 -6.50 -22.99
CA VAL A 312 19.95 -6.24 -23.05
C VAL A 312 19.63 -5.21 -24.17
N GLN A 313 18.74 -5.62 -25.05
CA GLN A 313 18.21 -4.76 -26.14
C GLN A 313 16.74 -4.45 -25.81
N GLY A 314 16.34 -3.23 -26.07
CA GLY A 314 14.92 -2.86 -25.92
C GLY A 314 14.28 -2.44 -27.25
N TRP A 315 13.09 -1.85 -27.15
CA TRP A 315 12.33 -1.32 -28.30
C TRP A 315 12.22 0.21 -28.13
N ALA A 316 12.73 0.96 -29.07
CA ALA A 316 12.58 2.44 -29.14
C ALA A 316 11.37 2.75 -30.03
N ILE A 317 10.31 3.33 -29.46
CA ILE A 317 8.99 3.48 -30.14
C ILE A 317 8.63 4.99 -30.17
N VAL A 318 8.32 5.53 -31.34
CA VAL A 318 7.76 6.90 -31.43
C VAL A 318 6.25 6.75 -31.62
N GLN A 319 5.52 7.28 -30.62
CA GLN A 319 4.06 7.27 -30.58
C GLN A 319 3.52 8.56 -31.21
N PHE A 320 2.93 8.43 -32.41
CA PHE A 320 2.32 9.57 -33.16
C PHE A 320 0.86 9.73 -32.73
N LEU A 321 0.26 10.89 -33.10
CA LEU A 321 -1.20 11.08 -32.92
C LEU A 321 -1.96 9.85 -33.42
N GLY A 322 -2.83 9.31 -32.57
CA GLY A 322 -3.70 8.16 -32.86
C GLY A 322 -3.03 6.79 -32.76
N ASP A 323 -1.78 6.74 -32.33
CA ASP A 323 -1.11 5.42 -32.09
C ASP A 323 -1.51 4.89 -30.70
N ALA A 324 -1.87 3.60 -30.64
CA ALA A 324 -2.12 2.83 -29.42
C ALA A 324 -0.91 1.95 -29.13
N VAL A 325 -0.20 2.17 -28.04
CA VAL A 325 0.95 1.30 -27.62
C VAL A 325 0.40 0.26 -26.65
N PHE A 326 0.62 -1.04 -26.91
CA PHE A 326 0.31 -2.18 -26.03
C PHE A 326 1.57 -2.54 -25.24
N ILE A 327 1.51 -2.44 -23.90
CA ILE A 327 2.67 -2.64 -23.00
C ILE A 327 2.43 -3.95 -22.22
N PRO A 328 3.24 -5.01 -22.42
CA PRO A 328 3.05 -6.26 -21.71
C PRO A 328 3.28 -6.15 -20.19
N ALA A 329 2.45 -6.84 -19.41
CA ALA A 329 2.66 -6.92 -17.95
C ALA A 329 4.10 -7.32 -17.66
N GLY A 330 4.69 -6.67 -16.66
CA GLY A 330 6.07 -6.93 -16.24
C GLY A 330 7.16 -6.24 -17.03
N ALA A 331 6.84 -5.60 -18.18
CA ALA A 331 7.83 -4.99 -19.08
C ALA A 331 8.25 -3.62 -18.55
N PRO A 332 9.52 -3.40 -18.15
CA PRO A 332 9.97 -2.05 -17.76
C PRO A 332 9.83 -1.06 -18.92
N HIS A 333 9.36 0.17 -18.65
CA HIS A 333 9.18 1.20 -19.75
C HIS A 333 9.26 2.62 -19.20
N GLN A 334 9.64 3.52 -20.10
CA GLN A 334 9.83 4.96 -19.80
C GLN A 334 9.28 5.73 -20.98
N VAL A 335 8.88 7.00 -20.74
CA VAL A 335 8.21 7.88 -21.73
C VAL A 335 8.86 9.28 -21.68
N HIS A 336 9.15 9.85 -22.85
CA HIS A 336 9.78 11.19 -22.99
C HIS A 336 8.94 11.98 -24.04
N ASN A 337 8.13 12.97 -23.60
CA ASN A 337 7.28 13.73 -24.53
C ASN A 337 8.13 14.65 -25.42
N LEU A 338 7.90 14.58 -26.71
CA LEU A 338 8.60 15.43 -27.72
C LEU A 338 7.83 16.75 -27.85
N TYR A 339 6.52 16.67 -27.87
CA TYR A 339 5.58 17.84 -27.88
C TYR A 339 4.57 17.68 -26.73
N SER A 340 3.70 18.67 -26.50
CA SER A 340 2.63 18.52 -25.47
C SER A 340 1.66 17.40 -25.86
N CYS A 341 1.40 16.49 -24.92
CA CYS A 341 0.61 15.26 -25.19
C CYS A 341 -0.58 15.09 -24.26
N ILE A 342 -1.68 14.59 -24.83
CA ILE A 342 -2.82 14.01 -24.09
C ILE A 342 -2.85 12.51 -24.43
N LYS A 343 -2.61 11.65 -23.47
CA LYS A 343 -2.70 10.18 -23.60
C LYS A 343 -3.81 9.65 -22.72
N VAL A 344 -4.49 8.60 -23.15
CA VAL A 344 -5.47 7.91 -22.31
C VAL A 344 -5.17 6.41 -22.31
N ALA A 345 -5.08 5.80 -21.14
CA ALA A 345 -4.64 4.38 -21.02
C ALA A 345 -5.70 3.56 -20.30
N GLU A 346 -5.84 2.28 -20.67
CA GLU A 346 -6.72 1.29 -20.01
C GLU A 346 -5.88 0.06 -19.62
N ASP A 347 -5.96 -0.41 -18.41
CA ASP A 347 -5.28 -1.66 -17.98
C ASP A 347 -6.21 -2.85 -18.27
N PHE A 348 -5.62 -4.02 -18.48
CA PHE A 348 -6.37 -5.30 -18.72
C PHE A 348 -5.47 -6.45 -18.30
N VAL A 349 -6.05 -7.65 -18.19
CA VAL A 349 -5.31 -8.86 -17.77
C VAL A 349 -5.48 -9.95 -18.82
N SER A 350 -4.57 -10.03 -19.77
CA SER A 350 -4.63 -11.10 -20.81
C SER A 350 -4.25 -12.44 -20.21
N PRO A 351 -4.79 -13.55 -20.76
CA PRO A 351 -4.37 -14.85 -20.28
C PRO A 351 -2.88 -15.12 -20.49
N GLU A 352 -2.32 -14.59 -21.60
CA GLU A 352 -0.88 -14.77 -21.95
C GLU A 352 0.04 -14.29 -20.80
N HIS A 353 -0.35 -13.29 -20.01
CA HIS A 353 0.57 -12.62 -19.03
C HIS A 353 0.02 -12.66 -17.59
N VAL A 354 -1.02 -13.42 -17.31
CA VAL A 354 -1.63 -13.44 -15.94
C VAL A 354 -0.61 -13.84 -14.89
N LYS A 355 0.41 -14.65 -15.18
CA LYS A 355 1.47 -15.00 -14.17
C LYS A 355 2.05 -13.77 -13.48
N HIS A 356 2.15 -12.61 -14.14
CA HIS A 356 2.80 -11.40 -13.59
C HIS A 356 2.02 -10.79 -12.42
N CYS A 357 0.72 -11.07 -12.22
CA CYS A 357 -0.06 -10.47 -11.11
C CYS A 357 -0.36 -11.52 -10.02
N PHE A 358 0.13 -12.75 -10.13
CA PHE A 358 -0.14 -13.82 -9.12
C PHE A 358 0.68 -13.48 -7.84
N ARG A 359 0.03 -13.61 -6.66
CA ARG A 359 0.63 -13.20 -5.35
C ARG A 359 1.46 -14.34 -4.72
N LEU A 360 1.58 -15.53 -5.31
CA LEU A 360 2.47 -16.59 -4.73
C LEU A 360 3.62 -16.99 -5.66
N THR A 361 4.58 -17.73 -5.10
CA THR A 361 5.88 -18.20 -5.71
C THR A 361 6.45 -17.12 -6.63
N MET B 23 4.17 -11.89 50.49
CA MET B 23 5.21 -12.79 49.95
C MET B 23 4.81 -13.26 48.55
N THR B 24 3.72 -12.73 48.01
CA THR B 24 3.34 -12.99 46.60
C THR B 24 4.51 -12.59 45.70
N SER B 25 4.94 -13.50 44.80
CA SER B 25 6.01 -13.22 43.81
C SER B 25 5.61 -12.10 42.86
N HIS B 26 6.41 -11.04 42.82
CA HIS B 26 6.16 -9.86 41.99
C HIS B 26 7.42 -9.03 41.80
N SER B 27 7.40 -8.16 40.80
CA SER B 27 8.43 -7.15 40.51
C SER B 27 7.75 -5.95 39.84
N TRP B 28 8.50 -4.88 39.63
CA TRP B 28 7.99 -3.60 39.12
C TRP B 28 8.83 -3.26 37.88
N LEU B 29 8.17 -3.11 36.73
CA LEU B 29 8.86 -2.72 35.46
C LEU B 29 8.46 -1.29 35.09
N CYS B 30 8.87 -0.79 33.91
CA CYS B 30 8.51 0.58 33.47
C CYS B 30 8.94 1.57 34.58
N ASP B 31 10.19 1.41 35.08
CA ASP B 31 10.84 2.27 36.12
C ASP B 31 9.93 2.39 37.36
N GLY B 32 9.46 1.27 37.91
CA GLY B 32 8.60 1.18 39.10
C GLY B 32 7.10 1.34 38.87
N ARG B 33 6.60 1.65 37.64
CA ARG B 33 5.19 2.06 37.42
C ARG B 33 4.29 0.89 36.90
N LEU B 34 4.85 -0.31 36.68
CA LEU B 34 4.04 -1.50 36.17
C LEU B 34 4.22 -2.67 37.13
N LEU B 35 3.13 -3.13 37.79
CA LEU B 35 3.16 -4.38 38.55
C LEU B 35 3.31 -5.55 37.61
N CYS B 36 4.18 -6.48 37.93
CA CYS B 36 4.34 -7.75 37.21
C CYS B 36 4.21 -8.88 38.23
N LEU B 37 3.14 -9.67 38.21
CA LEU B 37 2.88 -10.83 39.10
C LEU B 37 3.42 -12.07 38.43
N HIS B 38 4.18 -12.95 39.11
CA HIS B 38 4.94 -14.03 38.43
C HIS B 38 4.35 -15.43 38.65
N ASP B 39 3.39 -15.62 39.55
CA ASP B 39 2.71 -16.92 39.69
C ASP B 39 1.25 -16.77 39.30
N PRO B 40 0.84 -17.24 38.10
CA PRO B 40 -0.51 -16.96 37.63
C PRO B 40 -1.63 -17.58 38.47
N SER B 41 -1.36 -18.65 39.23
CA SER B 41 -2.38 -19.33 40.07
C SER B 41 -2.26 -18.98 41.56
N ASN B 42 -1.48 -17.98 41.96
CA ASN B 42 -1.45 -17.61 43.41
C ASN B 42 -2.79 -16.94 43.81
N LYS B 43 -3.55 -17.50 44.79
CA LYS B 43 -4.88 -17.00 45.21
C LYS B 43 -4.77 -15.64 45.93
N ASN B 44 -3.56 -15.18 46.28
CA ASN B 44 -3.32 -13.83 46.87
C ASN B 44 -2.94 -12.75 45.83
N ASN B 45 -2.95 -13.05 44.53
CA ASN B 45 -2.57 -12.05 43.49
C ASN B 45 -3.39 -10.77 43.60
N TRP B 46 -4.67 -10.86 44.00
CA TRP B 46 -5.57 -9.70 44.10
C TRP B 46 -5.03 -8.61 45.05
N LYS B 47 -4.21 -8.99 46.02
CA LYS B 47 -3.87 -8.05 47.13
C LYS B 47 -3.10 -6.84 46.63
N ILE B 48 -2.05 -7.04 45.84
CA ILE B 48 -1.24 -5.90 45.31
C ILE B 48 -1.88 -5.35 44.02
N PHE B 49 -2.56 -6.22 43.29
CA PHE B 49 -3.28 -5.79 42.05
C PHE B 49 -4.30 -4.68 42.34
N ARG B 50 -5.03 -4.77 43.48
CA ARG B 50 -6.20 -3.87 43.78
C ARG B 50 -5.85 -2.38 43.63
N GLU B 51 -4.77 -1.89 44.28
CA GLU B 51 -4.45 -0.45 44.27
C GLU B 51 -3.98 0.00 42.89
N CYS B 52 -3.20 -0.85 42.18
CA CYS B 52 -2.72 -0.49 40.81
C CYS B 52 -3.95 -0.32 39.89
N TRP B 53 -4.87 -1.26 40.02
CA TRP B 53 -6.12 -1.24 39.20
C TRP B 53 -7.02 -0.06 39.57
N LYS B 54 -7.14 0.29 40.89
CA LYS B 54 -7.93 1.49 41.28
C LYS B 54 -7.33 2.77 40.70
N GLN B 55 -6.01 2.88 40.61
CA GLN B 55 -5.27 4.06 40.11
C GLN B 55 -5.33 4.10 38.57
N GLY B 56 -5.95 3.10 37.94
CA GLY B 56 -6.13 3.09 36.47
C GLY B 56 -4.90 2.59 35.69
N GLN B 57 -4.06 1.80 36.32
CA GLN B 57 -2.81 1.26 35.69
C GLN B 57 -3.07 -0.10 35.05
N PRO B 58 -2.44 -0.41 33.89
CA PRO B 58 -2.35 -1.78 33.46
C PRO B 58 -1.48 -2.62 34.43
N VAL B 59 -1.65 -3.92 34.41
CA VAL B 59 -0.92 -4.91 35.22
C VAL B 59 -0.51 -6.04 34.27
N LEU B 60 0.61 -6.69 34.52
CA LEU B 60 1.06 -7.86 33.74
C LEU B 60 1.15 -9.08 34.67
N VAL B 61 0.73 -10.25 34.21
CA VAL B 61 0.88 -11.53 34.92
C VAL B 61 1.62 -12.48 33.98
N SER B 62 2.77 -13.00 34.38
CA SER B 62 3.61 -13.87 33.56
C SER B 62 3.33 -15.35 33.86
N GLY B 63 3.78 -16.23 32.95
CA GLY B 63 3.78 -17.68 33.17
C GLY B 63 2.50 -18.41 32.77
N VAL B 64 1.53 -17.78 32.08
CA VAL B 64 0.24 -18.45 31.73
C VAL B 64 0.48 -19.61 30.73
N HIS B 65 1.50 -19.52 29.89
CA HIS B 65 1.84 -20.56 28.86
C HIS B 65 2.18 -21.90 29.53
N LYS B 66 2.76 -21.84 30.73
CA LYS B 66 3.13 -23.07 31.49
C LYS B 66 1.88 -23.79 31.99
N LYS B 67 0.73 -23.12 32.07
CA LYS B 67 -0.55 -23.71 32.54
C LYS B 67 -1.35 -24.31 31.37
N LEU B 68 -1.03 -23.98 30.12
CA LEU B 68 -1.85 -24.38 28.95
C LEU B 68 -1.32 -25.70 28.36
N LYS B 69 -2.11 -26.33 27.50
CA LYS B 69 -1.66 -27.45 26.62
C LYS B 69 -1.00 -26.88 25.37
N SER B 70 0.33 -26.85 25.31
CA SER B 70 1.11 -26.16 24.24
C SER B 70 0.72 -26.68 22.84
N GLU B 71 0.37 -27.96 22.68
CA GLU B 71 0.04 -28.56 21.35
C GLU B 71 -1.27 -27.97 20.77
N LEU B 72 -2.16 -27.40 21.59
CA LEU B 72 -3.42 -26.78 21.13
C LEU B 72 -3.14 -25.40 20.50
N TRP B 73 -1.99 -24.77 20.74
CA TRP B 73 -1.80 -23.34 20.39
C TRP B 73 -0.73 -23.14 19.30
N LYS B 74 -0.53 -24.15 18.44
CA LYS B 74 0.56 -24.13 17.43
C LYS B 74 -0.03 -23.74 16.07
N PRO B 75 0.66 -22.89 15.28
CA PRO B 75 0.17 -22.56 13.93
C PRO B 75 -0.13 -23.77 13.03
N GLU B 76 0.69 -24.85 13.11
CA GLU B 76 0.50 -26.05 12.24
C GLU B 76 -0.81 -26.74 12.59
N ALA B 77 -1.22 -26.74 13.87
CA ALA B 77 -2.48 -27.37 14.30
C ALA B 77 -3.69 -26.58 13.79
N PHE B 78 -3.66 -25.24 13.83
CA PHE B 78 -4.79 -24.43 13.30
C PHE B 78 -4.92 -24.70 11.78
N SER B 79 -3.79 -24.82 11.09
CA SER B 79 -3.78 -25.07 9.62
C SER B 79 -4.36 -26.44 9.32
N GLN B 80 -3.93 -27.50 10.03
CA GLN B 80 -4.43 -28.87 9.75
C GLN B 80 -5.92 -28.99 10.08
N GLU B 81 -6.39 -28.38 11.17
CA GLU B 81 -7.78 -28.53 11.63
C GLU B 81 -8.75 -27.65 10.85
N PHE B 82 -8.37 -26.44 10.40
CA PHE B 82 -9.34 -25.38 9.98
C PHE B 82 -8.94 -24.76 8.63
N GLY B 83 -7.93 -25.33 7.98
CA GLY B 83 -7.18 -24.69 6.87
C GLY B 83 -7.98 -24.54 5.57
N ASP B 84 -9.07 -25.30 5.37
CA ASP B 84 -9.88 -25.14 4.11
C ASP B 84 -11.04 -24.15 4.30
N GLN B 85 -11.14 -23.42 5.42
CA GLN B 85 -12.16 -22.36 5.59
C GLN B 85 -11.78 -21.11 4.76
N ASP B 86 -12.78 -20.37 4.30
CA ASP B 86 -12.56 -19.11 3.56
C ASP B 86 -12.51 -17.98 4.58
N VAL B 87 -11.63 -16.99 4.36
CA VAL B 87 -11.41 -15.89 5.33
C VAL B 87 -10.94 -14.64 4.60
N ASP B 88 -11.06 -13.50 5.26
CA ASP B 88 -10.42 -12.22 4.82
C ASP B 88 -9.14 -11.99 5.62
N LEU B 89 -8.12 -11.45 4.98
CA LEU B 89 -6.88 -10.94 5.64
C LEU B 89 -6.79 -9.42 5.45
N VAL B 90 -6.01 -8.78 6.31
CA VAL B 90 -5.69 -7.33 6.22
C VAL B 90 -4.18 -7.16 6.05
N ASN B 91 -3.79 -6.37 5.05
CA ASN B 91 -2.38 -5.92 4.83
C ASN B 91 -2.09 -4.79 5.82
N CYS B 92 -1.24 -5.05 6.84
CA CYS B 92 -1.00 -4.08 7.93
C CYS B 92 -0.34 -2.79 7.43
N ARG B 93 0.40 -2.85 6.32
CA ARG B 93 1.14 -1.67 5.78
C ARG B 93 0.17 -0.66 5.15
N ASN B 94 -0.91 -1.11 4.51
CA ASN B 94 -1.78 -0.16 3.75
C ASN B 94 -3.26 -0.31 4.11
N CYS B 95 -3.62 -1.17 5.07
CA CYS B 95 -5.00 -1.48 5.56
C CYS B 95 -5.88 -2.10 4.46
N ALA B 96 -5.31 -2.57 3.35
CA ALA B 96 -6.11 -3.20 2.26
C ALA B 96 -6.67 -4.54 2.75
N ILE B 97 -7.87 -4.90 2.28
CA ILE B 97 -8.47 -6.22 2.59
C ILE B 97 -8.19 -7.17 1.43
N ILE B 98 -7.65 -8.36 1.72
CA ILE B 98 -7.41 -9.48 0.77
C ILE B 98 -8.56 -10.46 1.03
N SER B 99 -9.62 -10.42 0.19
CA SER B 99 -10.91 -11.08 0.48
C SER B 99 -10.94 -12.54 0.01
N ASP B 100 -11.52 -13.44 0.80
CA ASP B 100 -11.92 -14.80 0.37
C ASP B 100 -10.70 -15.64 -0.07
N VAL B 101 -9.69 -15.75 0.77
CA VAL B 101 -8.59 -16.72 0.60
C VAL B 101 -8.75 -17.82 1.67
N LYS B 102 -7.88 -18.81 1.67
CA LYS B 102 -7.94 -19.96 2.60
C LYS B 102 -7.17 -19.65 3.89
N VAL B 103 -7.71 -20.09 5.01
CA VAL B 103 -7.09 -19.98 6.38
C VAL B 103 -5.67 -20.59 6.27
N ARG B 104 -5.43 -21.69 5.53
CA ARG B 104 -4.08 -22.29 5.42
C ARG B 104 -3.08 -21.32 4.75
N ASP B 105 -3.55 -20.40 3.89
CA ASP B 105 -2.59 -19.49 3.21
C ASP B 105 -2.09 -18.45 4.21
N PHE B 106 -2.82 -18.15 5.29
CA PHE B 106 -2.32 -17.30 6.40
C PHE B 106 -1.35 -18.13 7.25
N TRP B 107 -1.78 -19.31 7.72
CA TRP B 107 -0.99 -20.06 8.74
C TRP B 107 0.29 -20.61 8.11
N ASP B 108 0.29 -20.97 6.82
CA ASP B 108 1.49 -21.65 6.28
C ASP B 108 2.64 -20.66 6.05
N GLY B 109 2.39 -19.35 6.04
CA GLY B 109 3.43 -18.31 6.01
C GLY B 109 3.74 -17.66 7.38
N PHE B 110 3.16 -18.19 8.44
CA PHE B 110 3.29 -17.56 9.78
C PHE B 110 4.77 -17.36 10.16
N GLU B 111 5.59 -18.38 9.88
CA GLU B 111 7.04 -18.39 10.26
C GLU B 111 7.95 -18.60 9.05
N ILE B 112 7.42 -18.99 7.90
CA ILE B 112 8.19 -19.19 6.62
C ILE B 112 7.86 -18.02 5.67
N ILE B 113 8.73 -17.05 5.61
CA ILE B 113 8.47 -15.76 4.92
C ILE B 113 8.25 -16.00 3.40
N CYS B 114 8.99 -16.94 2.79
CA CYS B 114 8.93 -17.19 1.32
C CYS B 114 7.53 -17.74 0.92
N LYS B 115 6.73 -18.25 1.85
CA LYS B 115 5.39 -18.84 1.58
C LYS B 115 4.29 -17.79 1.64
N ARG B 116 4.59 -16.56 2.02
CA ARG B 116 3.54 -15.55 2.25
C ARG B 116 2.98 -15.01 0.94
N LEU B 117 1.70 -14.62 0.97
CA LEU B 117 1.09 -13.80 -0.12
C LEU B 117 1.87 -12.51 -0.28
N ARG B 118 2.08 -12.07 -1.53
CA ARG B 118 2.88 -10.89 -1.88
C ARG B 118 2.03 -9.71 -2.34
N SER B 119 2.56 -8.50 -2.21
CA SER B 119 1.96 -7.24 -2.68
C SER B 119 2.48 -7.02 -4.16
N GLU B 120 1.99 -5.96 -4.74
CA GLU B 120 2.28 -5.52 -6.15
C GLU B 120 3.81 -5.36 -6.35
N ASP B 121 4.57 -4.99 -5.32
CA ASP B 121 6.06 -4.78 -5.37
C ASP B 121 6.83 -6.09 -5.31
N GLY B 122 6.14 -7.25 -5.30
CA GLY B 122 6.77 -8.56 -5.12
C GLY B 122 7.28 -8.88 -3.72
N GLN B 123 7.00 -8.03 -2.70
CA GLN B 123 7.48 -8.29 -1.31
C GLN B 123 6.46 -9.14 -0.56
N PRO B 124 6.90 -10.01 0.37
CA PRO B 124 5.98 -10.70 1.28
C PRO B 124 5.18 -9.69 2.12
N MET B 125 3.85 -9.87 2.23
CA MET B 125 3.01 -8.95 3.04
C MET B 125 3.10 -9.35 4.54
N VAL B 126 2.97 -8.30 5.35
CA VAL B 126 2.68 -8.43 6.81
C VAL B 126 1.16 -8.45 6.95
N LEU B 127 0.61 -9.59 7.32
CA LEU B 127 -0.84 -9.86 7.29
C LEU B 127 -1.41 -10.09 8.70
N LYS B 128 -2.68 -9.73 8.89
CA LYS B 128 -3.47 -10.20 10.07
C LYS B 128 -4.76 -10.89 9.61
N LEU B 129 -5.12 -11.93 10.32
CA LEU B 129 -6.36 -12.64 10.05
C LEU B 129 -7.52 -11.82 10.60
N LYS B 130 -8.52 -11.49 9.79
CA LYS B 130 -9.66 -10.67 10.24
C LYS B 130 -10.79 -11.59 10.76
N ASP B 131 -11.34 -11.27 11.93
CA ASP B 131 -12.63 -11.84 12.41
C ASP B 131 -12.59 -13.38 12.32
N TRP B 132 -11.61 -14.02 12.97
CA TRP B 132 -11.47 -15.49 12.98
C TRP B 132 -11.07 -16.00 14.37
N PRO B 133 -11.77 -17.00 14.94
CA PRO B 133 -13.08 -17.44 14.47
C PRO B 133 -14.09 -16.29 14.40
N PRO B 134 -15.03 -16.34 13.45
CA PRO B 134 -15.94 -15.23 13.23
C PRO B 134 -16.96 -15.04 14.34
N GLY B 135 -17.25 -13.77 14.64
CA GLY B 135 -18.28 -13.37 15.61
C GLY B 135 -18.00 -14.02 16.94
N GLU B 136 -18.94 -14.83 17.44
CA GLU B 136 -18.86 -15.53 18.75
C GLU B 136 -18.76 -17.04 18.51
N ASP B 137 -18.19 -17.46 17.38
CA ASP B 137 -18.08 -18.91 17.04
C ASP B 137 -16.91 -19.58 17.79
N PHE B 138 -16.09 -18.86 18.56
CA PHE B 138 -14.84 -19.41 19.16
C PHE B 138 -15.18 -20.66 20.00
N ARG B 139 -16.15 -20.54 20.91
CA ARG B 139 -16.61 -21.69 21.74
C ARG B 139 -17.11 -22.87 20.88
N ASP B 140 -17.92 -22.61 19.86
CA ASP B 140 -18.50 -23.69 19.02
C ASP B 140 -17.43 -24.25 18.09
N MET B 141 -16.54 -23.42 17.54
CA MET B 141 -15.56 -23.92 16.55
C MET B 141 -14.40 -24.63 17.28
N MET B 142 -14.00 -24.14 18.45
CA MET B 142 -12.78 -24.59 19.15
C MET B 142 -13.08 -24.88 20.63
N PRO B 143 -13.94 -25.87 20.94
CA PRO B 143 -14.31 -26.12 22.34
C PRO B 143 -13.17 -26.48 23.30
N THR B 144 -12.18 -27.25 22.84
CA THR B 144 -11.04 -27.70 23.68
C THR B 144 -10.12 -26.51 23.97
N ARG B 145 -9.95 -25.61 22.98
CA ARG B 145 -9.15 -24.35 23.18
C ARG B 145 -9.88 -23.39 24.15
N PHE B 146 -11.21 -23.26 24.04
CA PHE B 146 -12.02 -22.46 25.00
C PHE B 146 -11.78 -22.95 26.43
N GLU B 147 -11.92 -24.28 26.67
CA GLU B 147 -11.75 -24.87 28.03
C GLU B 147 -10.31 -24.62 28.54
N ASP B 148 -9.30 -24.82 27.70
CA ASP B 148 -7.87 -24.69 28.10
C ASP B 148 -7.62 -23.23 28.53
N LEU B 149 -8.07 -22.27 27.71
CA LEU B 149 -7.89 -20.84 28.10
C LEU B 149 -8.70 -20.43 29.36
N MET B 150 -10.01 -20.70 29.42
CA MET B 150 -10.86 -20.18 30.53
C MET B 150 -10.44 -20.75 31.88
N GLU B 151 -10.03 -22.03 31.93
CA GLU B 151 -9.64 -22.69 33.19
C GLU B 151 -8.35 -22.10 33.73
N ASN B 152 -7.52 -21.43 32.90
CA ASN B 152 -6.16 -21.00 33.26
C ASN B 152 -5.97 -19.47 33.20
N LEU B 153 -7.04 -18.70 33.03
CA LEU B 153 -7.03 -17.20 33.07
C LEU B 153 -6.59 -16.77 34.47
N PRO B 154 -5.62 -15.84 34.58
CA PRO B 154 -5.21 -15.29 35.87
C PRO B 154 -6.30 -14.35 36.42
N LEU B 155 -6.17 -14.06 37.73
CA LEU B 155 -7.19 -13.26 38.48
C LEU B 155 -8.61 -13.76 38.15
N PRO B 156 -8.88 -15.06 38.31
CA PRO B 156 -10.14 -15.64 37.87
C PRO B 156 -11.39 -15.06 38.55
N GLU B 157 -11.29 -14.54 39.77
CA GLU B 157 -12.49 -13.92 40.38
C GLU B 157 -12.89 -12.68 39.59
N TYR B 158 -11.98 -12.07 38.83
CA TYR B 158 -12.26 -10.87 38.01
C TYR B 158 -12.62 -11.31 36.58
N THR B 159 -11.96 -12.35 36.06
CA THR B 159 -11.90 -12.60 34.59
C THR B 159 -12.86 -13.69 34.13
N LYS B 160 -13.21 -14.68 34.97
CA LYS B 160 -14.14 -15.77 34.56
C LYS B 160 -15.60 -15.28 34.60
N ARG B 161 -16.51 -15.87 33.80
N ARG B 161 -16.49 -15.91 33.81
CA ARG B 161 -17.96 -15.42 33.75
CA ARG B 161 -17.92 -15.50 33.72
C ARG B 161 -18.61 -15.49 35.14
C ARG B 161 -18.62 -15.53 35.09
N ASP B 162 -18.39 -16.57 35.87
CA ASP B 162 -18.95 -16.78 37.23
C ASP B 162 -17.99 -16.29 38.32
N GLY B 163 -16.97 -15.49 37.98
CA GLY B 163 -16.08 -14.88 38.99
C GLY B 163 -16.85 -14.05 40.01
N ARG B 164 -16.45 -14.11 41.28
CA ARG B 164 -17.15 -13.37 42.36
C ARG B 164 -17.17 -11.86 42.05
N LEU B 165 -16.13 -11.30 41.40
CA LEU B 165 -16.01 -9.84 41.20
C LEU B 165 -16.17 -9.49 39.72
N ASN B 166 -16.59 -10.38 38.85
CA ASN B 166 -16.94 -10.04 37.46
C ASN B 166 -18.44 -9.69 37.42
N LEU B 167 -18.76 -8.47 37.02
CA LEU B 167 -20.17 -8.01 37.03
C LEU B 167 -20.80 -8.16 35.65
N ALA B 168 -20.09 -8.60 34.61
CA ALA B 168 -20.61 -8.57 33.21
C ALA B 168 -21.91 -9.37 33.05
N SER B 169 -22.05 -10.54 33.66
CA SER B 169 -23.29 -11.34 33.45
C SER B 169 -24.49 -10.76 34.22
N ARG B 170 -24.29 -9.89 35.19
CA ARG B 170 -25.37 -9.35 36.06
C ARG B 170 -25.88 -7.99 35.60
N LEU B 171 -25.07 -7.20 34.92
CA LEU B 171 -25.46 -5.78 34.66
C LEU B 171 -26.27 -5.65 33.38
N PRO B 172 -27.17 -4.63 33.35
CA PRO B 172 -27.88 -4.33 32.10
C PRO B 172 -27.03 -3.76 30.94
N SER B 173 -27.63 -3.69 29.74
CA SER B 173 -26.90 -3.37 28.50
C SER B 173 -26.34 -1.95 28.50
N TYR B 174 -26.80 -1.04 29.35
CA TYR B 174 -26.27 0.35 29.46
C TYR B 174 -24.89 0.36 30.17
N PHE B 175 -24.43 -0.80 30.71
CA PHE B 175 -23.06 -0.94 31.26
C PHE B 175 -22.18 -1.80 30.34
N VAL B 176 -22.74 -2.79 29.65
CA VAL B 176 -21.93 -3.88 29.02
C VAL B 176 -22.73 -4.63 27.98
N ARG B 177 -22.05 -5.06 26.91
CA ARG B 177 -22.62 -5.92 25.86
C ARG B 177 -22.91 -7.29 26.49
N PRO B 178 -24.00 -7.97 26.10
CA PRO B 178 -24.31 -9.31 26.64
C PRO B 178 -23.41 -10.41 26.09
N ASP B 179 -23.30 -11.48 26.88
CA ASP B 179 -22.75 -12.81 26.48
C ASP B 179 -21.31 -12.63 26.00
N LEU B 180 -20.40 -12.15 26.87
CA LEU B 180 -18.99 -11.93 26.46
C LEU B 180 -18.33 -13.31 26.25
N GLY B 181 -17.46 -13.44 25.23
CA GLY B 181 -16.65 -14.66 24.97
C GLY B 181 -15.29 -14.22 24.40
N PRO B 182 -14.32 -15.16 24.34
CA PRO B 182 -12.95 -14.83 23.94
C PRO B 182 -12.83 -14.51 22.46
N LYS B 183 -11.84 -13.71 22.14
CA LYS B 183 -11.49 -13.35 20.72
C LYS B 183 -10.01 -13.60 20.51
N MET B 184 -9.67 -14.09 19.34
CA MET B 184 -8.28 -14.50 18.96
C MET B 184 -7.71 -13.42 18.06
N TYR B 185 -6.48 -12.97 18.28
CA TYR B 185 -5.76 -11.95 17.46
C TYR B 185 -4.49 -12.56 16.88
N ASN B 186 -4.45 -12.71 15.54
CA ASN B 186 -3.45 -13.54 14.84
C ASN B 186 -2.83 -12.69 13.72
N ALA B 187 -1.53 -12.38 13.82
CA ALA B 187 -0.90 -11.44 12.86
C ALA B 187 0.61 -11.72 12.77
N TYR B 188 1.18 -11.53 11.56
CA TYR B 188 2.63 -11.63 11.34
C TYR B 188 3.35 -10.51 12.12
N GLY B 189 4.67 -10.70 12.28
CA GLY B 189 5.58 -9.64 12.81
C GLY B 189 5.86 -8.53 11.82
N LEU B 190 5.94 -7.29 12.21
CA LEU B 190 6.48 -6.15 11.41
C LEU B 190 8.01 -6.28 11.32
N ILE B 191 8.63 -5.86 10.20
CA ILE B 191 10.00 -6.32 9.80
C ILE B 191 10.95 -5.17 9.46
N THR B 192 10.50 -4.19 8.66
CA THR B 192 11.43 -3.20 8.05
C THR B 192 11.60 -1.96 8.95
N ALA B 193 12.57 -1.10 8.62
CA ALA B 193 12.72 0.21 9.27
C ALA B 193 11.45 1.06 9.03
N GLU B 194 10.85 1.02 7.83
CA GLU B 194 9.60 1.77 7.53
C GLU B 194 8.45 1.19 8.38
N ASP B 195 8.48 -0.11 8.66
CA ASP B 195 7.46 -0.81 9.48
C ASP B 195 7.48 -0.30 10.93
N ARG B 196 8.55 0.35 11.40
CA ARG B 196 8.60 0.81 12.81
C ARG B 196 7.43 1.72 13.14
N ARG B 197 6.93 2.51 12.18
CA ARG B 197 5.85 3.51 12.34
C ARG B 197 4.45 2.94 12.06
N VAL B 198 4.32 1.63 11.88
CA VAL B 198 3.04 0.93 11.57
C VAL B 198 2.57 0.21 12.84
N GLY B 199 1.26 0.17 13.05
CA GLY B 199 0.65 -0.67 14.11
C GLY B 199 0.13 -1.99 13.56
N THR B 200 0.23 -3.06 14.32
CA THR B 200 -0.58 -4.28 14.14
C THR B 200 -2.04 -3.87 14.44
N THR B 201 -2.27 -3.24 15.60
CA THR B 201 -3.58 -2.69 16.00
C THR B 201 -3.41 -1.21 16.32
N ASN B 202 -4.06 -0.32 15.59
CA ASN B 202 -3.89 1.13 15.75
C ASN B 202 -4.45 1.58 17.12
N LEU B 203 -4.04 2.75 17.57
CA LEU B 203 -4.54 3.39 18.83
C LEU B 203 -6.08 3.40 18.85
N HIS B 204 -6.66 2.87 19.95
CA HIS B 204 -8.12 2.75 20.13
C HIS B 204 -8.41 2.61 21.63
N LEU B 205 -9.67 2.68 22.02
CA LEU B 205 -10.04 2.24 23.41
C LEU B 205 -11.16 1.20 23.33
N ASP B 206 -11.34 0.46 24.42
CA ASP B 206 -12.43 -0.56 24.57
C ASP B 206 -13.34 -0.10 25.72
N VAL B 207 -14.65 -0.40 25.62
CA VAL B 207 -15.66 0.12 26.58
C VAL B 207 -15.79 -0.79 27.81
N SER B 208 -15.11 -1.94 27.82
CA SER B 208 -15.04 -2.85 29.00
C SER B 208 -13.58 -3.01 29.44
N ASP B 209 -13.38 -3.57 30.62
CA ASP B 209 -12.05 -4.08 31.02
C ASP B 209 -11.67 -5.29 30.16
N ALA B 210 -10.38 -5.62 30.03
CA ALA B 210 -9.96 -6.81 29.27
C ALA B 210 -8.64 -7.39 29.77
N VAL B 211 -8.44 -8.67 29.49
CA VAL B 211 -7.13 -9.36 29.65
C VAL B 211 -6.73 -9.95 28.31
N ASN B 212 -5.48 -9.75 27.92
CA ASN B 212 -4.95 -10.24 26.62
C ASN B 212 -3.77 -11.17 26.92
N VAL B 213 -3.86 -12.45 26.52
CA VAL B 213 -2.83 -13.51 26.78
C VAL B 213 -2.03 -13.86 25.50
N MET B 214 -0.73 -13.79 25.58
CA MET B 214 0.18 -14.22 24.47
C MET B 214 0.31 -15.74 24.55
N VAL B 215 -0.29 -16.52 23.62
CA VAL B 215 -0.28 -18.00 23.70
C VAL B 215 0.78 -18.63 22.78
N TYR B 216 1.30 -17.89 21.79
CA TYR B 216 2.34 -18.46 20.86
C TYR B 216 3.12 -17.28 20.25
N VAL B 217 4.45 -17.45 20.15
CA VAL B 217 5.34 -16.51 19.44
C VAL B 217 6.19 -17.30 18.43
N GLY B 218 6.06 -16.90 17.15
CA GLY B 218 6.75 -17.55 16.02
C GLY B 218 7.84 -16.65 15.49
N ILE B 219 9.08 -17.10 15.66
CA ILE B 219 10.30 -16.37 15.22
C ILE B 219 10.82 -17.05 13.95
N PRO B 220 10.72 -16.41 12.76
CA PRO B 220 11.23 -17.01 11.51
C PRO B 220 12.78 -17.11 11.50
N ILE B 221 13.35 -18.14 10.83
CA ILE B 221 14.80 -18.17 10.41
C ILE B 221 14.85 -18.13 8.87
N ALA B 225 18.94 -14.64 11.55
CA ALA B 225 18.49 -13.91 12.76
C ALA B 225 18.52 -12.39 12.49
N HIS B 226 17.39 -11.82 12.04
CA HIS B 226 17.19 -10.36 11.84
C HIS B 226 16.63 -9.76 13.15
N ASP B 227 17.37 -9.94 14.25
CA ASP B 227 17.13 -9.33 15.58
C ASP B 227 17.46 -7.83 15.52
N GLU B 228 18.02 -7.36 14.40
CA GLU B 228 18.65 -6.01 14.27
C GLU B 228 17.55 -4.94 14.43
N GLU B 229 16.56 -4.98 13.55
CA GLU B 229 15.47 -3.97 13.52
C GLU B 229 14.57 -4.15 14.77
N VAL B 230 14.46 -5.37 15.28
CA VAL B 230 13.69 -5.64 16.52
C VAL B 230 14.37 -4.96 17.73
N LEU B 231 15.70 -5.05 17.90
CA LEU B 231 16.39 -4.41 19.08
C LEU B 231 16.28 -2.87 19.00
N LYS B 232 16.32 -2.30 17.81
CA LYS B 232 16.17 -0.85 17.59
C LYS B 232 14.71 -0.43 17.89
N THR B 233 13.75 -1.27 17.53
CA THR B 233 12.30 -0.95 17.72
C THR B 233 11.96 -0.91 19.22
N ILE B 234 12.55 -1.82 20.00
CA ILE B 234 12.39 -1.94 21.48
C ILE B 234 12.94 -0.67 22.13
N ASP B 235 14.13 -0.27 21.67
CA ASP B 235 14.88 0.87 22.27
C ASP B 235 14.11 2.19 22.03
N GLU B 236 13.88 2.50 20.76
CA GLU B 236 13.14 3.70 20.30
C GLU B 236 11.70 3.69 20.86
N GLY B 237 11.16 2.47 21.06
CA GLY B 237 9.85 2.20 21.69
C GLY B 237 9.80 2.67 23.14
N ASP B 238 10.96 2.92 23.79
CA ASP B 238 11.06 3.51 25.16
C ASP B 238 10.86 2.42 26.21
N ALA B 239 11.14 1.15 25.88
CA ALA B 239 11.19 0.04 26.86
C ALA B 239 12.24 0.34 27.92
N ASP B 240 12.08 -0.23 29.11
CA ASP B 240 12.99 0.03 30.27
C ASP B 240 14.24 -0.85 30.15
N GLU B 241 15.28 -0.58 30.96
CA GLU B 241 16.61 -1.21 30.77
C GLU B 241 16.56 -2.69 31.16
N VAL B 242 15.79 -3.08 32.17
CA VAL B 242 15.66 -4.52 32.57
C VAL B 242 15.10 -5.32 31.37
N THR B 243 14.14 -4.74 30.66
CA THR B 243 13.43 -5.38 29.52
C THR B 243 14.43 -5.56 28.35
N LYS B 244 15.15 -4.50 27.98
CA LYS B 244 16.17 -4.55 26.90
C LYS B 244 17.25 -5.59 27.21
N GLU B 245 17.80 -5.56 28.42
CA GLU B 245 18.94 -6.42 28.80
C GLU B 245 18.37 -7.82 28.86
N ARG B 246 17.08 -7.91 29.16
CA ARG B 246 16.37 -9.20 29.33
C ARG B 246 16.30 -9.96 28.00
N ILE B 247 16.20 -9.27 26.87
CA ILE B 247 16.06 -9.98 25.55
C ILE B 247 17.44 -10.51 25.10
N HIS B 248 18.37 -10.76 26.06
CA HIS B 248 19.55 -11.65 25.92
C HIS B 248 20.13 -12.13 27.28
N ASP B 249 19.45 -11.93 28.42
CA ASP B 249 19.88 -12.39 29.78
C ASP B 249 19.25 -13.76 30.08
N HIS B 250 18.07 -14.02 29.51
CA HIS B 250 17.49 -15.36 29.22
C HIS B 250 17.55 -15.52 27.68
N LYS B 251 16.80 -16.46 27.11
CA LYS B 251 16.40 -16.44 25.67
C LYS B 251 14.87 -16.56 25.56
N GLU B 252 14.14 -15.58 26.10
CA GLU B 252 12.66 -15.57 26.01
C GLU B 252 12.30 -15.21 24.57
N LYS B 253 11.00 -15.22 24.33
CA LYS B 253 10.33 -14.99 23.04
C LYS B 253 9.51 -13.71 23.21
N PRO B 254 10.08 -12.52 22.91
CA PRO B 254 9.33 -11.27 22.91
C PRO B 254 8.33 -11.29 21.74
N GLY B 255 7.05 -11.02 21.99
CA GLY B 255 6.00 -11.10 20.95
C GLY B 255 5.57 -9.73 20.43
N ALA B 256 5.23 -8.77 21.28
CA ALA B 256 4.63 -7.50 20.83
C ALA B 256 5.02 -6.35 21.75
N LEU B 257 5.10 -5.17 21.17
CA LEU B 257 5.33 -3.90 21.88
C LEU B 257 4.01 -3.15 21.97
N TRP B 258 3.56 -2.88 23.20
CA TRP B 258 2.34 -2.11 23.47
C TRP B 258 2.73 -0.69 23.93
N HIS B 259 1.90 0.28 23.64
CA HIS B 259 1.84 1.55 24.39
C HIS B 259 0.42 1.71 24.92
N ILE B 260 0.28 1.88 26.23
CA ILE B 260 -1.00 2.05 26.94
C ILE B 260 -1.00 3.40 27.65
N TYR B 261 -2.11 4.11 27.61
CA TYR B 261 -2.30 5.45 28.24
C TYR B 261 -3.42 5.34 29.27
N ALA B 262 -3.35 6.13 30.35
CA ALA B 262 -4.47 6.17 31.32
C ALA B 262 -5.79 6.66 30.69
N ALA B 263 -6.92 6.13 31.13
CA ALA B 263 -8.27 6.57 30.69
C ALA B 263 -8.44 8.08 30.89
N LYS B 264 -7.90 8.67 31.97
CA LYS B 264 -8.03 10.14 32.21
C LYS B 264 -7.27 10.99 31.18
N ASP B 265 -6.33 10.42 30.41
CA ASP B 265 -5.51 11.17 29.40
C ASP B 265 -6.08 11.07 27.99
N ALA B 266 -7.22 10.41 27.77
CA ALA B 266 -7.77 10.20 26.41
C ALA B 266 -8.03 11.56 25.71
N GLU B 267 -8.60 12.54 26.40
CA GLU B 267 -9.03 13.83 25.75
C GLU B 267 -7.78 14.63 25.37
N LYS B 268 -6.72 14.59 26.16
CA LYS B 268 -5.41 15.24 25.79
C LYS B 268 -4.87 14.57 24.53
N ILE B 269 -5.02 13.25 24.36
CA ILE B 269 -4.52 12.55 23.15
C ILE B 269 -5.38 12.98 21.96
N ARG B 270 -6.70 13.13 22.15
CA ARG B 270 -7.61 13.58 21.06
C ARG B 270 -7.21 15.01 20.62
N GLU B 271 -6.93 15.88 21.58
CA GLU B 271 -6.50 17.29 21.29
C GLU B 271 -5.25 17.26 20.39
N LEU B 272 -4.22 16.47 20.75
CA LEU B 272 -2.97 16.37 19.95
C LEU B 272 -3.30 15.89 18.54
N LEU B 273 -4.08 14.83 18.39
CA LEU B 273 -4.28 14.20 17.05
C LEU B 273 -5.23 15.03 16.18
N ARG B 274 -6.14 15.82 16.78
CA ARG B 274 -6.93 16.83 16.01
C ARG B 274 -5.93 17.84 15.39
N LYS B 275 -4.98 18.35 16.17
CA LYS B 275 -3.99 19.34 15.69
C LYS B 275 -3.19 18.73 14.53
N VAL B 276 -2.57 17.57 14.77
CA VAL B 276 -1.64 16.91 13.81
C VAL B 276 -2.41 16.54 12.53
N GLY B 277 -3.67 16.12 12.65
CA GLY B 277 -4.56 15.86 11.51
C GLY B 277 -4.73 17.12 10.67
N GLU B 278 -4.88 18.29 11.33
CA GLU B 278 -5.11 19.61 10.68
C GLU B 278 -3.81 20.01 9.97
N GLU B 279 -2.66 19.76 10.59
CA GLU B 279 -1.30 20.03 10.02
C GLU B 279 -1.07 19.17 8.78
N GLN B 280 -1.66 17.98 8.71
CA GLN B 280 -1.39 17.00 7.63
C GLN B 280 -2.42 17.13 6.50
N GLY B 281 -3.35 18.08 6.58
CA GLY B 281 -4.32 18.34 5.49
C GLY B 281 -5.75 18.10 5.90
N GLN B 282 -6.00 17.02 6.67
CA GLN B 282 -7.38 16.54 7.02
C GLN B 282 -8.31 17.72 7.34
N GLU B 283 -9.56 17.63 6.89
CA GLU B 283 -10.65 18.60 7.21
C GLU B 283 -11.68 17.86 8.08
N ASN B 284 -11.55 17.96 9.40
CA ASN B 284 -12.40 17.27 10.42
C ASN B 284 -13.12 18.35 11.22
N PRO B 285 -14.37 18.10 11.70
CA PRO B 285 -15.01 19.01 12.65
C PRO B 285 -14.27 19.13 13.98
N PRO B 286 -14.54 20.17 14.80
CA PRO B 286 -13.84 20.33 16.07
C PRO B 286 -14.15 19.20 17.08
N ASP B 287 -15.26 18.48 16.82
CA ASP B 287 -15.85 17.39 17.65
C ASP B 287 -15.19 16.05 17.34
N HIS B 288 -14.52 15.96 16.19
CA HIS B 288 -13.97 14.71 15.65
C HIS B 288 -13.20 13.92 16.72
N ASP B 289 -13.34 12.59 16.69
CA ASP B 289 -12.73 11.67 17.71
C ASP B 289 -11.71 10.77 17.02
N PRO B 290 -10.43 11.18 17.02
CA PRO B 290 -9.39 10.39 16.37
C PRO B 290 -9.10 9.03 17.05
N ILE B 291 -9.50 8.85 18.32
CA ILE B 291 -9.36 7.53 19.02
C ILE B 291 -10.46 6.59 18.48
N HIS B 292 -11.69 7.06 18.37
CA HIS B 292 -12.82 6.31 17.76
C HIS B 292 -12.48 5.91 16.32
N ASP B 293 -11.75 6.78 15.59
CA ASP B 293 -11.41 6.53 14.16
C ASP B 293 -10.47 5.35 14.01
N GLN B 294 -9.64 5.01 15.02
CA GLN B 294 -8.74 3.84 14.95
C GLN B 294 -7.79 3.98 13.73
N SER B 295 -7.41 5.21 13.37
CA SER B 295 -6.61 5.51 12.14
C SER B 295 -5.16 5.87 12.47
N TRP B 296 -4.77 6.01 13.73
CA TRP B 296 -3.44 6.52 14.17
C TRP B 296 -2.57 5.44 14.81
N TYR B 297 -1.28 5.50 14.54
CA TYR B 297 -0.26 4.79 15.34
C TYR B 297 0.73 5.83 15.87
N LEU B 298 0.87 5.94 17.17
CA LEU B 298 1.80 6.95 17.74
C LEU B 298 3.25 6.46 17.59
N ASP B 299 4.01 7.07 16.66
CA ASP B 299 5.44 6.72 16.41
C ASP B 299 6.31 7.48 17.42
N GLN B 300 7.64 7.36 17.34
CA GLN B 300 8.52 8.04 18.34
C GLN B 300 8.26 9.55 18.32
N THR B 301 8.09 10.16 17.16
CA THR B 301 7.89 11.63 17.02
C THR B 301 6.60 12.02 17.76
N LEU B 302 5.52 11.26 17.54
CA LEU B 302 4.21 11.62 18.15
C LEU B 302 4.25 11.36 19.66
N ARG B 303 4.89 10.29 20.14
CA ARG B 303 4.93 9.98 21.61
C ARG B 303 5.72 11.11 22.30
N LYS B 304 6.83 11.55 21.73
CA LYS B 304 7.65 12.63 22.35
C LYS B 304 6.83 13.92 22.46
N ARG B 305 6.15 14.30 21.38
CA ARG B 305 5.30 15.51 21.31
C ARG B 305 4.14 15.42 22.30
N LEU B 306 3.52 14.24 22.47
CA LEU B 306 2.45 14.03 23.49
C LEU B 306 3.02 14.37 24.87
N TYR B 307 4.20 13.87 25.21
CA TYR B 307 4.81 14.15 26.53
C TYR B 307 5.14 15.64 26.68
N GLU B 308 5.89 16.16 25.70
N GLU B 308 5.83 16.22 25.69
CA GLU B 308 6.36 17.57 25.62
CA GLU B 308 6.37 17.60 25.80
C GLU B 308 5.16 18.50 25.82
C GLU B 308 5.23 18.62 25.75
N GLU B 309 4.21 18.44 24.90
CA GLU B 309 3.10 19.43 24.81
C GLU B 309 2.02 19.18 25.86
N TYR B 310 1.73 17.95 26.30
CA TYR B 310 0.51 17.69 27.12
C TYR B 310 0.83 17.07 28.49
N GLY B 311 2.09 16.66 28.76
CA GLY B 311 2.46 16.05 30.05
C GLY B 311 2.06 14.58 30.13
N VAL B 312 1.69 13.95 29.01
CA VAL B 312 1.16 12.55 29.01
C VAL B 312 2.29 11.57 28.68
N GLN B 313 2.57 10.63 29.58
CA GLN B 313 3.72 9.70 29.52
C GLN B 313 3.33 8.37 28.84
N GLY B 314 2.44 7.58 29.45
CA GLY B 314 2.10 6.23 28.95
C GLY B 314 3.07 5.12 29.36
N TRP B 315 2.66 3.86 29.21
CA TRP B 315 3.43 2.66 29.58
C TRP B 315 3.87 1.96 28.29
N ALA B 316 5.17 1.70 28.08
CA ALA B 316 5.75 0.90 26.97
C ALA B 316 6.03 -0.48 27.51
N ILE B 317 5.27 -1.48 27.04
CA ILE B 317 5.27 -2.86 27.55
C ILE B 317 5.66 -3.81 26.42
N VAL B 318 6.62 -4.68 26.70
CA VAL B 318 6.92 -5.85 25.87
C VAL B 318 6.24 -7.08 26.46
N GLN B 319 5.32 -7.65 25.65
CA GLN B 319 4.52 -8.84 26.00
C GLN B 319 5.29 -10.05 25.48
N PHE B 320 5.81 -10.88 26.36
CA PHE B 320 6.51 -12.13 25.99
C PHE B 320 5.51 -13.29 25.93
N LEU B 321 5.93 -14.46 25.43
CA LEU B 321 5.16 -15.72 25.52
C LEU B 321 4.67 -15.96 26.95
N GLY B 322 3.36 -16.10 27.11
CA GLY B 322 2.70 -16.43 28.40
C GLY B 322 2.34 -15.18 29.22
N ASP B 323 2.63 -13.97 28.75
CA ASP B 323 2.35 -12.71 29.48
C ASP B 323 0.86 -12.36 29.23
N ALA B 324 0.11 -12.13 30.30
CA ALA B 324 -1.27 -11.61 30.28
C ALA B 324 -1.25 -10.14 30.62
N VAL B 325 -1.75 -9.25 29.74
CA VAL B 325 -1.79 -7.80 29.94
C VAL B 325 -3.22 -7.44 30.29
N PHE B 326 -3.40 -6.81 31.46
CA PHE B 326 -4.72 -6.30 31.90
C PHE B 326 -4.87 -4.85 31.51
N ILE B 327 -5.93 -4.51 30.80
CA ILE B 327 -6.17 -3.18 30.19
C ILE B 327 -7.44 -2.56 30.78
N PRO B 328 -7.34 -1.44 31.54
CA PRO B 328 -8.53 -0.77 32.10
C PRO B 328 -9.48 -0.29 31.01
N ALA B 329 -10.79 -0.42 31.25
CA ALA B 329 -11.82 0.18 30.38
C ALA B 329 -11.46 1.66 30.08
N GLY B 330 -11.47 2.04 28.82
CA GLY B 330 -11.25 3.44 28.43
C GLY B 330 -9.77 3.81 28.30
N ALA B 331 -8.82 2.94 28.65
CA ALA B 331 -7.36 3.26 28.51
C ALA B 331 -7.02 3.13 27.03
N PRO B 332 -6.63 4.22 26.34
CA PRO B 332 -6.21 4.09 24.93
C PRO B 332 -4.94 3.22 24.81
N HIS B 333 -4.88 2.41 23.75
CA HIS B 333 -3.73 1.52 23.52
C HIS B 333 -3.53 1.17 22.05
N GLN B 334 -2.30 0.80 21.75
CA GLN B 334 -1.84 0.40 20.41
C GLN B 334 -0.91 -0.79 20.59
N VAL B 335 -0.77 -1.61 19.55
CA VAL B 335 0.04 -2.85 19.56
C VAL B 335 0.89 -2.94 18.29
N HIS B 336 2.16 -3.34 18.43
CA HIS B 336 3.13 -3.51 17.29
C HIS B 336 3.79 -4.85 17.43
N ASN B 337 3.43 -5.86 16.60
CA ASN B 337 4.03 -7.20 16.71
C ASN B 337 5.52 -7.13 16.28
N LEU B 338 6.41 -7.66 17.12
CA LEU B 338 7.86 -7.81 16.87
C LEU B 338 8.09 -9.08 16.06
N TYR B 339 7.36 -10.15 16.36
CA TYR B 339 7.42 -11.45 15.69
C TYR B 339 5.95 -11.88 15.42
N SER B 340 5.74 -12.97 14.71
CA SER B 340 4.36 -13.47 14.48
C SER B 340 3.77 -13.90 15.84
N CYS B 341 2.52 -13.52 16.11
CA CYS B 341 1.90 -13.74 17.44
C CYS B 341 0.49 -14.34 17.32
N ILE B 342 0.14 -15.25 18.24
CA ILE B 342 -1.23 -15.67 18.54
C ILE B 342 -1.60 -15.13 19.95
N LYS B 343 -2.56 -14.23 20.01
CA LYS B 343 -3.07 -13.68 21.32
C LYS B 343 -4.54 -14.09 21.49
N VAL B 344 -5.02 -14.28 22.74
CA VAL B 344 -6.45 -14.49 23.00
C VAL B 344 -6.85 -13.51 24.10
N ALA B 345 -7.96 -12.80 23.91
CA ALA B 345 -8.41 -11.76 24.86
C ALA B 345 -9.82 -12.06 25.37
N GLU B 346 -10.09 -11.72 26.64
CA GLU B 346 -11.44 -11.85 27.27
C GLU B 346 -11.83 -10.52 27.92
N ASP B 347 -13.00 -9.98 27.58
CA ASP B 347 -13.59 -8.77 28.20
C ASP B 347 -14.24 -9.17 29.53
N PHE B 348 -14.26 -8.24 30.48
CA PHE B 348 -14.94 -8.42 31.82
C PHE B 348 -15.32 -7.03 32.35
N VAL B 349 -16.04 -6.99 33.48
CA VAL B 349 -16.41 -5.71 34.13
C VAL B 349 -16.10 -5.78 35.62
N SER B 350 -15.02 -5.07 36.05
CA SER B 350 -14.70 -4.98 37.50
C SER B 350 -15.54 -3.90 38.21
N PRO B 351 -15.84 -4.09 39.51
CA PRO B 351 -16.50 -3.05 40.28
C PRO B 351 -15.74 -1.71 40.29
N GLU B 352 -14.41 -1.76 40.27
CA GLU B 352 -13.51 -0.59 40.34
C GLU B 352 -13.81 0.36 39.16
N HIS B 353 -14.22 -0.19 37.99
CA HIS B 353 -14.31 0.58 36.74
C HIS B 353 -15.77 0.63 36.23
N VAL B 354 -16.76 0.26 37.05
CA VAL B 354 -18.16 0.18 36.58
C VAL B 354 -18.72 1.56 36.15
N LYS B 355 -18.33 2.64 36.82
CA LYS B 355 -18.80 3.99 36.41
C LYS B 355 -18.25 4.32 35.02
N HIS B 356 -16.96 4.07 34.78
CA HIS B 356 -16.33 4.27 33.45
C HIS B 356 -17.04 3.46 32.38
N CYS B 357 -17.35 2.17 32.66
CA CYS B 357 -18.04 1.31 31.70
C CYS B 357 -19.40 1.93 31.26
N PHE B 358 -20.18 2.51 32.18
CA PHE B 358 -21.46 3.20 31.85
C PHE B 358 -21.18 4.39 30.92
N ARG B 359 -20.24 5.24 31.28
CA ARG B 359 -19.94 6.48 30.49
C ARG B 359 -19.41 6.07 29.11
N LEU B 360 -18.51 5.10 29.02
CA LEU B 360 -17.95 4.70 27.71
C LEU B 360 -19.04 4.10 26.82
N THR B 361 -19.97 3.32 27.38
CA THR B 361 -21.07 2.69 26.63
C THR B 361 -21.95 3.82 26.06
N GLN B 362 -22.26 4.80 26.88
CA GLN B 362 -23.06 5.98 26.45
C GLN B 362 -22.38 6.65 25.24
N GLU B 363 -21.07 6.92 25.37
CA GLU B 363 -20.31 7.64 24.30
C GLU B 363 -20.27 6.77 23.04
N PHE B 364 -20.08 5.44 23.15
CA PHE B 364 -20.03 4.54 21.98
C PHE B 364 -21.36 4.64 21.24
N ARG B 365 -22.48 4.59 21.93
CA ARG B 365 -23.83 4.72 21.34
C ARG B 365 -23.94 6.09 20.62
N HIS B 366 -23.42 7.15 21.20
CA HIS B 366 -23.54 8.54 20.66
C HIS B 366 -22.71 8.64 19.36
N LEU B 367 -21.50 8.08 19.36
CA LEU B 367 -20.58 8.07 18.19
C LEU B 367 -21.14 7.15 17.10
N SER B 368 -22.00 6.20 17.44
CA SER B 368 -22.55 5.18 16.52
C SER B 368 -23.44 5.85 15.48
N ASN B 369 -24.33 6.74 15.94
CA ASN B 369 -25.39 7.39 15.12
C ASN B 369 -25.13 8.90 15.04
CL CL C . -9.86 -8.75 -30.26
CL CL D . -17.47 14.11 -21.00
CL CL E . 7.55 9.44 -13.24
CL CL F . 5.68 -12.78 -20.13
MN MN G . 3.24 2.25 -17.14
CL CL H . -10.75 -27.08 19.80
MN MN I . -8.09 -3.11 22.54
#